data_6FOZ
#
_entry.id   6FOZ
#
_cell.length_a   69.540
_cell.length_b   52.190
_cell.length_c   136.210
_cell.angle_alpha   90.000
_cell.angle_beta   103.530
_cell.angle_gamma   90.000
#
_symmetry.space_group_name_H-M   'P 1 21 1'
#
loop_
_entity.id
_entity.type
_entity.pdbx_description
1 polymer 'Kynurenine 3-monooxygenase'
2 non-polymer 'FLAVIN-ADENINE DINUCLEOTIDE'
3 non-polymer '5-(3,4-dichlorophenyl)furan-2-carboxylic acid'
4 water water
#
_entity_poly.entity_id   1
_entity_poly.type   'polypeptide(L)'
_entity_poly.pdbx_seq_one_letter_code
;TATDNARQVTIIGAGLAGTLVARLLARNGWQVNLFERRPDPRIETGARGRSINLALAERGAHALRLAGLEREVLAEAVMM
RGRMVHVPGTPPNLQPYGRDDSEVIWSINRDRLNRILLDGAEAAGASIHFNLGLDSVDFARQRLTLSNVSGERLEKRFHL
LIGADGCNSAVRQAMASVVDLGEHLETQPHGYKELQITPEASAQFNLEPNALHIWPHGDYMCIALPNLDRSFTVTLFLHH
QSPAAQPASPSFAQLVDGHAARRFFQRQFPDLSPMLDSLEQDFEHHPTGKLATLRLTTWHVGGQAVLLGDAAHPMVPFHG
QGMNCALEDAVALAEHLQSAADNASALAAFTAQRQPDALAIQAMALENYVEMSSKVASPTYLLERELGQIMAQRQPTRFI
PRYSMVTFSRLPYAQAMARGQIQEQLLKFAVANHSDLTSINLDAVEHEVTRCLPPLSHLS
;
_entity_poly.pdbx_strand_id   A,B
#
loop_
_chem_comp.id
_chem_comp.type
_chem_comp.name
_chem_comp.formula
E0H non-polymer '5-(3,4-dichlorophenyl)furan-2-carboxylic acid' 'C11 H6 Cl2 O3'
FAD non-polymer 'FLAVIN-ADENINE DINUCLEOTIDE' 'C27 H33 N9 O15 P2'
#
# COMPACT_ATOMS: atom_id res chain seq x y z
N ALA A 6 -47.42 26.92 24.87
CA ALA A 6 -46.92 25.88 23.97
C ALA A 6 -45.68 25.21 24.55
N ARG A 7 -45.60 23.88 24.41
CA ARG A 7 -44.46 23.14 24.91
C ARG A 7 -43.23 23.40 24.04
N GLN A 8 -42.09 23.59 24.70
CA GLN A 8 -40.86 23.99 24.03
C GLN A 8 -39.87 22.84 23.96
N VAL A 9 -39.12 22.78 22.86
CA VAL A 9 -38.11 21.74 22.68
C VAL A 9 -36.95 22.32 21.88
N THR A 10 -35.74 21.90 22.23
CA THR A 10 -34.53 22.23 21.48
C THR A 10 -33.95 20.96 20.90
N ILE A 11 -33.70 20.95 19.60
CA ILE A 11 -33.16 19.79 18.90
C ILE A 11 -31.75 20.14 18.41
N ILE A 12 -30.81 19.24 18.66
CA ILE A 12 -29.43 19.38 18.19
C ILE A 12 -29.23 18.44 17.01
N GLY A 13 -28.92 19.01 15.84
CA GLY A 13 -28.64 18.22 14.67
C GLY A 13 -29.78 18.25 13.66
N ALA A 14 -29.60 18.98 12.57
CA ALA A 14 -30.59 19.03 11.49
C ALA A 14 -30.27 17.99 10.42
N GLY A 15 -30.05 16.76 10.86
CA GLY A 15 -29.86 15.66 9.95
C GLY A 15 -31.18 15.05 9.54
N LEU A 16 -31.27 13.72 9.52
CA LEU A 16 -32.48 13.06 9.07
C LEU A 16 -33.48 12.89 10.21
N ALA A 17 -33.05 12.36 11.35
CA ALA A 17 -33.96 12.23 12.49
C ALA A 17 -34.34 13.58 13.07
N GLY A 18 -33.36 14.48 13.22
CA GLY A 18 -33.63 15.76 13.86
C GLY A 18 -34.61 16.62 13.08
N THR A 19 -34.46 16.69 11.76
N THR A 19 -34.46 16.68 11.76
CA THR A 19 -35.37 17.51 10.97
CA THR A 19 -35.35 17.51 10.96
C THR A 19 -36.76 16.91 10.93
C THR A 19 -36.75 16.91 10.90
N LEU A 20 -36.86 15.58 10.86
CA LEU A 20 -38.17 14.95 10.80
C LEU A 20 -38.93 15.13 12.11
N VAL A 21 -38.26 14.90 13.24
CA VAL A 21 -38.95 15.07 14.52
C VAL A 21 -39.32 16.53 14.72
N ALA A 22 -38.48 17.45 14.25
CA ALA A 22 -38.81 18.87 14.33
C ALA A 22 -40.11 19.17 13.60
N ARG A 23 -40.29 18.61 12.41
CA ARG A 23 -41.53 18.83 11.67
C ARG A 23 -42.74 18.25 12.41
N LEU A 24 -42.61 17.01 12.89
CA LEU A 24 -43.74 16.37 13.56
C LEU A 24 -44.15 17.13 14.81
N LEU A 25 -43.17 17.69 15.54
CA LEU A 25 -43.49 18.42 16.77
C LEU A 25 -44.05 19.80 16.45
N ALA A 26 -43.42 20.54 15.53
CA ALA A 26 -43.93 21.85 15.18
C ALA A 26 -45.34 21.76 14.60
N ARG A 27 -45.62 20.70 13.84
CA ARG A 27 -46.95 20.49 13.30
C ARG A 27 -47.98 20.28 14.40
N ASN A 28 -47.57 19.74 15.54
CA ASN A 28 -48.44 19.54 16.69
C ASN A 28 -48.48 20.74 17.62
N GLY A 29 -47.93 21.88 17.21
CA GLY A 29 -48.01 23.08 18.02
C GLY A 29 -46.81 23.34 18.92
N TRP A 30 -45.80 22.47 18.91
CA TRP A 30 -44.62 22.70 19.72
C TRP A 30 -43.82 23.88 19.18
N GLN A 31 -43.19 24.60 20.09
CA GLN A 31 -42.20 25.62 19.75
C GLN A 31 -40.86 24.90 19.59
N VAL A 32 -40.37 24.80 18.36
CA VAL A 32 -39.21 23.98 18.03
C VAL A 32 -38.06 24.88 17.60
N ASN A 33 -36.92 24.73 18.25
CA ASN A 33 -35.68 25.37 17.83
C ASN A 33 -34.65 24.29 17.53
N LEU A 34 -34.12 24.32 16.31
CA LEU A 34 -33.25 23.28 15.79
C LEU A 34 -31.91 23.91 15.44
N PHE A 35 -30.83 23.36 16.01
CA PHE A 35 -29.49 23.89 15.82
C PHE A 35 -28.64 22.89 15.04
N GLU A 36 -27.87 23.40 14.08
CA GLU A 36 -27.09 22.59 13.18
C GLU A 36 -25.70 23.20 13.01
N ARG A 37 -24.65 22.38 13.14
CA ARG A 37 -23.30 22.92 13.04
C ARG A 37 -22.90 23.25 11.61
N ARG A 38 -23.46 22.55 10.63
CA ARG A 38 -23.13 22.81 9.23
C ARG A 38 -23.91 24.00 8.69
N PRO A 39 -23.49 24.56 7.55
CA PRO A 39 -24.28 25.61 6.90
C PRO A 39 -25.58 25.05 6.34
N ASP A 40 -26.49 25.95 6.01
CA ASP A 40 -27.74 25.55 5.39
C ASP A 40 -27.47 25.02 3.99
N PRO A 41 -27.75 23.74 3.70
CA PRO A 41 -27.46 23.21 2.36
C PRO A 41 -28.37 23.76 1.28
N ARG A 42 -29.48 24.42 1.63
CA ARG A 42 -30.34 25.02 0.63
C ARG A 42 -29.78 26.33 0.08
N ILE A 43 -28.77 26.91 0.71
CA ILE A 43 -28.14 28.13 0.21
C ILE A 43 -27.09 27.71 -0.81
N GLU A 44 -27.36 27.99 -2.08
CA GLU A 44 -26.45 27.57 -3.13
C GLU A 44 -25.16 28.37 -3.07
N THR A 45 -24.04 27.67 -3.14
CA THR A 45 -22.71 28.26 -3.17
C THR A 45 -22.00 27.79 -4.43
N GLY A 46 -20.78 28.25 -4.61
CA GLY A 46 -19.98 27.77 -5.71
C GLY A 46 -19.31 26.44 -5.48
N ALA A 47 -19.50 25.85 -4.31
CA ALA A 47 -18.85 24.58 -4.00
C ALA A 47 -19.57 23.45 -4.71
N ARG A 48 -18.84 22.35 -4.91
CA ARG A 48 -19.44 21.18 -5.52
C ARG A 48 -20.40 20.52 -4.55
N GLY A 49 -21.30 19.70 -5.10
CA GLY A 49 -22.18 18.93 -4.25
C GLY A 49 -21.78 17.47 -4.20
N ARG A 50 -20.96 17.10 -3.22
CA ARG A 50 -20.60 15.71 -2.99
C ARG A 50 -21.55 15.15 -1.96
N SER A 51 -22.36 14.17 -2.35
CA SER A 51 -23.33 13.56 -1.46
C SER A 51 -23.50 12.10 -1.86
N ILE A 52 -23.76 11.26 -0.86
CA ILE A 52 -23.99 9.85 -1.12
C ILE A 52 -25.49 9.60 -1.30
N ASN A 53 -25.80 8.45 -1.87
CA ASN A 53 -27.17 7.96 -1.95
C ASN A 53 -27.45 7.03 -0.79
N LEU A 54 -28.70 7.01 -0.36
CA LEU A 54 -29.14 6.13 0.71
C LEU A 54 -30.28 5.26 0.21
N ALA A 55 -30.33 4.03 0.71
CA ALA A 55 -31.42 3.12 0.42
C ALA A 55 -32.57 3.41 1.38
N LEU A 56 -33.67 3.92 0.85
CA LEU A 56 -34.89 4.19 1.61
C LEU A 56 -35.83 3.01 1.46
N ALA A 57 -36.18 2.38 2.59
CA ALA A 57 -37.03 1.21 2.58
C ALA A 57 -38.44 1.58 3.02
N GLU A 58 -39.31 0.56 3.07
CA GLU A 58 -40.72 0.78 3.38
C GLU A 58 -40.90 1.46 4.73
N ARG A 59 -40.17 1.01 5.76
CA ARG A 59 -40.37 1.60 7.09
C ARG A 59 -39.93 3.06 7.12
N GLY A 60 -38.83 3.39 6.44
CA GLY A 60 -38.45 4.79 6.35
C GLY A 60 -39.41 5.60 5.50
N ALA A 61 -39.86 5.02 4.38
CA ALA A 61 -40.83 5.70 3.53
C ALA A 61 -42.16 5.90 4.25
N HIS A 62 -42.56 4.92 5.05
CA HIS A 62 -43.80 5.03 5.82
C HIS A 62 -43.73 6.20 6.79
N ALA A 63 -42.58 6.39 7.45
CA ALA A 63 -42.43 7.52 8.36
C ALA A 63 -42.58 8.85 7.63
N LEU A 64 -41.99 8.96 6.44
CA LEU A 64 -42.15 10.17 5.64
C LEU A 64 -43.60 10.36 5.21
N ARG A 65 -44.31 9.25 4.97
CA ARG A 65 -45.73 9.32 4.65
C ARG A 65 -46.51 9.95 5.81
N LEU A 66 -46.25 9.50 7.04
CA LEU A 66 -46.91 10.09 8.19
C LEU A 66 -46.59 11.57 8.31
N ALA A 67 -45.41 11.99 7.86
CA ALA A 67 -45.03 13.40 7.89
C ALA A 67 -45.56 14.18 6.70
N GLY A 68 -46.18 13.52 5.71
CA GLY A 68 -46.67 14.21 4.54
C GLY A 68 -45.61 14.61 3.54
N LEU A 69 -44.45 13.94 3.56
CA LEU A 69 -43.33 14.28 2.68
C LEU A 69 -42.97 13.15 1.72
N GLU A 70 -43.72 12.05 1.71
CA GLU A 70 -43.29 10.88 0.96
C GLU A 70 -43.23 11.13 -0.53
N ARG A 71 -44.32 11.66 -1.11
CA ARG A 71 -44.37 11.83 -2.56
C ARG A 71 -43.26 12.77 -3.02
N GLU A 72 -42.97 13.81 -2.24
N GLU A 72 -42.97 13.80 -2.23
CA GLU A 72 -41.90 14.73 -2.59
CA GLU A 72 -41.89 14.72 -2.61
C GLU A 72 -40.55 14.01 -2.59
C GLU A 72 -40.54 14.01 -2.59
N VAL A 73 -40.33 13.11 -1.63
CA VAL A 73 -39.06 12.41 -1.53
C VAL A 73 -38.94 11.37 -2.65
N LEU A 74 -39.99 10.57 -2.85
CA LEU A 74 -39.91 9.50 -3.84
C LEU A 74 -39.80 10.05 -5.26
N ALA A 75 -40.33 11.26 -5.49
CA ALA A 75 -40.18 11.87 -6.81
C ALA A 75 -38.72 12.05 -7.20
N GLU A 76 -37.81 12.09 -6.23
CA GLU A 76 -36.38 12.28 -6.47
C GLU A 76 -35.58 11.02 -6.16
N ALA A 77 -36.23 9.85 -6.14
CA ALA A 77 -35.59 8.61 -5.75
C ALA A 77 -35.62 7.62 -6.91
N VAL A 78 -34.55 6.84 -7.03
CA VAL A 78 -34.42 5.82 -8.07
C VAL A 78 -34.89 4.49 -7.52
N MET A 79 -35.71 3.79 -8.30
CA MET A 79 -36.19 2.47 -7.90
C MET A 79 -35.09 1.43 -8.04
N MET A 80 -34.88 0.63 -6.99
CA MET A 80 -33.95 -0.49 -7.02
C MET A 80 -34.75 -1.78 -6.86
N ARG A 81 -34.86 -2.55 -7.93
CA ARG A 81 -35.70 -3.74 -7.96
C ARG A 81 -35.05 -4.95 -7.30
N GLY A 82 -33.74 -4.93 -7.10
CA GLY A 82 -33.04 -6.08 -6.54
C GLY A 82 -31.56 -5.76 -6.41
N ARG A 83 -30.78 -6.76 -6.00
CA ARG A 83 -29.33 -6.60 -5.90
C ARG A 83 -28.66 -7.26 -7.09
N MET A 84 -27.74 -6.53 -7.70
CA MET A 84 -26.98 -6.98 -8.86
C MET A 84 -25.61 -7.41 -8.37
N VAL A 85 -25.34 -8.72 -8.38
CA VAL A 85 -24.10 -9.27 -7.84
C VAL A 85 -23.10 -9.44 -8.98
N HIS A 86 -21.93 -8.85 -8.83
CA HIS A 86 -20.89 -8.86 -9.86
C HIS A 86 -19.71 -9.73 -9.44
N VAL A 87 -19.62 -10.91 -10.04
CA VAL A 87 -18.45 -11.78 -9.92
C VAL A 87 -17.75 -11.75 -11.27
N PRO A 88 -16.46 -11.42 -11.35
CA PRO A 88 -15.81 -11.34 -12.66
C PRO A 88 -15.99 -12.63 -13.45
N GLY A 89 -16.23 -12.47 -14.75
CA GLY A 89 -16.39 -13.58 -15.66
C GLY A 89 -17.82 -13.94 -16.00
N THR A 90 -18.79 -13.56 -15.18
CA THR A 90 -20.18 -13.94 -15.41
C THR A 90 -21.06 -12.70 -15.45
N PRO A 91 -22.12 -12.70 -16.27
CA PRO A 91 -22.96 -11.52 -16.35
C PRO A 91 -23.59 -11.23 -15.00
N PRO A 92 -23.92 -9.98 -14.73
CA PRO A 92 -24.55 -9.66 -13.44
C PRO A 92 -25.81 -10.48 -13.24
N ASN A 93 -26.05 -10.87 -11.98
CA ASN A 93 -27.19 -11.70 -11.63
C ASN A 93 -28.11 -10.87 -10.74
N LEU A 94 -29.32 -10.60 -11.23
CA LEU A 94 -30.28 -9.80 -10.49
C LEU A 94 -31.09 -10.69 -9.57
N GLN A 95 -30.98 -10.45 -8.27
CA GLN A 95 -31.79 -11.15 -7.29
C GLN A 95 -32.93 -10.23 -6.91
N PRO A 96 -34.14 -10.44 -7.42
CA PRO A 96 -35.22 -9.48 -7.16
C PRO A 96 -35.50 -9.36 -5.68
N TYR A 97 -35.93 -8.17 -5.28
CA TYR A 97 -36.31 -7.91 -3.91
C TYR A 97 -37.70 -8.44 -3.60
N GLY A 98 -38.60 -8.43 -4.58
CA GLY A 98 -39.96 -8.87 -4.35
C GLY A 98 -40.61 -9.40 -5.60
N ARG A 99 -41.92 -9.69 -5.49
CA ARG A 99 -42.65 -10.26 -6.62
C ARG A 99 -42.69 -9.31 -7.79
N ASP A 100 -42.96 -8.03 -7.54
CA ASP A 100 -43.11 -7.05 -8.61
C ASP A 100 -42.60 -5.71 -8.10
N ASP A 101 -42.83 -4.65 -8.89
CA ASP A 101 -42.35 -3.32 -8.56
C ASP A 101 -43.04 -2.71 -7.34
N SER A 102 -43.96 -3.42 -6.69
CA SER A 102 -44.50 -2.92 -5.43
C SER A 102 -43.58 -3.22 -4.26
N GLU A 103 -42.68 -4.19 -4.39
CA GLU A 103 -41.72 -4.54 -3.35
C GLU A 103 -40.35 -4.10 -3.86
N VAL A 104 -40.02 -2.83 -3.61
CA VAL A 104 -38.75 -2.25 -4.03
C VAL A 104 -38.20 -1.39 -2.90
N ILE A 105 -36.94 -1.00 -3.03
CA ILE A 105 -36.36 0.04 -2.19
C ILE A 105 -35.90 1.17 -3.09
N TRP A 106 -35.70 2.33 -2.48
CA TRP A 106 -35.48 3.57 -3.21
C TRP A 106 -34.10 4.12 -2.87
N SER A 107 -33.38 4.55 -3.89
CA SER A 107 -32.11 5.24 -3.72
C SER A 107 -32.37 6.74 -3.81
N ILE A 108 -32.12 7.45 -2.71
CA ILE A 108 -32.35 8.88 -2.62
C ILE A 108 -31.05 9.55 -2.22
N ASN A 109 -30.71 10.65 -2.89
CA ASN A 109 -29.52 11.41 -2.55
C ASN A 109 -29.70 12.06 -1.19
N ARG A 110 -28.68 11.91 -0.32
CA ARG A 110 -28.82 12.39 1.05
C ARG A 110 -29.08 13.89 1.09
N ASP A 111 -28.34 14.66 0.29
CA ASP A 111 -28.50 16.12 0.29
C ASP A 111 -29.90 16.52 -0.11
N ARG A 112 -30.44 15.91 -1.17
CA ARG A 112 -31.81 16.19 -1.59
C ARG A 112 -32.79 15.90 -0.45
N LEU A 113 -32.64 14.75 0.19
CA LEU A 113 -33.56 14.40 1.28
C LEU A 113 -33.48 15.42 2.40
N ASN A 114 -32.26 15.80 2.80
CA ASN A 114 -32.11 16.76 3.90
C ASN A 114 -32.76 18.09 3.55
N ARG A 115 -32.62 18.55 2.31
N ARG A 115 -32.62 18.55 2.31
CA ARG A 115 -33.24 19.81 1.92
CA ARG A 115 -33.23 19.81 1.90
C ARG A 115 -34.76 19.73 2.00
C ARG A 115 -34.76 19.73 2.00
N ILE A 116 -35.34 18.63 1.53
CA ILE A 116 -36.79 18.45 1.60
C ILE A 116 -37.24 18.45 3.05
N LEU A 117 -36.50 17.77 3.92
CA LEU A 117 -36.86 17.73 5.33
C LEU A 117 -36.73 19.11 5.96
N LEU A 118 -35.68 19.86 5.61
CA LEU A 118 -35.53 21.21 6.13
C LEU A 118 -36.72 22.08 5.73
N ASP A 119 -37.10 22.05 4.46
CA ASP A 119 -38.27 22.80 4.02
C ASP A 119 -39.51 22.35 4.79
N GLY A 120 -39.67 21.05 4.99
CA GLY A 120 -40.83 20.56 5.70
C GLY A 120 -40.88 21.01 7.14
N ALA A 121 -39.73 21.01 7.82
CA ALA A 121 -39.71 21.44 9.22
C ALA A 121 -40.00 22.93 9.34
N GLU A 122 -39.48 23.75 8.41
CA GLU A 122 -39.78 25.17 8.44
C GLU A 122 -41.23 25.44 8.06
N ALA A 123 -41.77 24.70 7.09
CA ALA A 123 -43.17 24.88 6.73
C ALA A 123 -44.09 24.58 7.91
N ALA A 124 -43.67 23.67 8.78
CA ALA A 124 -44.47 23.32 9.96
C ALA A 124 -44.28 24.29 11.12
N GLY A 125 -43.37 25.25 11.00
CA GLY A 125 -43.19 26.28 12.02
C GLY A 125 -41.92 26.15 12.84
N ALA A 126 -41.06 25.20 12.53
CA ALA A 126 -39.81 25.07 13.28
C ALA A 126 -38.84 26.17 12.85
N SER A 127 -37.99 26.58 13.80
CA SER A 127 -36.93 27.53 13.54
C SER A 127 -35.60 26.78 13.52
N ILE A 128 -34.82 26.99 12.46
CA ILE A 128 -33.58 26.25 12.23
C ILE A 128 -32.42 27.24 12.21
N HIS A 129 -31.39 26.96 13.01
CA HIS A 129 -30.23 27.82 13.16
C HIS A 129 -28.99 27.03 12.75
N PHE A 130 -28.33 27.48 11.68
CA PHE A 130 -27.17 26.78 11.14
C PHE A 130 -25.88 27.42 11.63
N ASN A 131 -24.78 26.72 11.38
CA ASN A 131 -23.43 27.20 11.74
C ASN A 131 -23.26 27.36 13.25
N LEU A 132 -23.94 26.51 14.01
CA LEU A 132 -23.86 26.52 15.47
C LEU A 132 -23.72 25.08 15.96
N GLY A 133 -22.56 24.74 16.49
CA GLY A 133 -22.32 23.41 17.03
C GLY A 133 -22.44 23.40 18.55
N LEU A 134 -23.12 22.40 19.07
CA LEU A 134 -23.21 22.22 20.51
C LEU A 134 -21.86 21.81 21.08
N ASP A 135 -21.42 22.53 22.12
CA ASP A 135 -20.16 22.27 22.81
C ASP A 135 -20.34 21.62 24.17
N SER A 136 -21.37 22.01 24.92
CA SER A 136 -21.57 21.45 26.25
C SER A 136 -22.98 21.75 26.72
N VAL A 137 -23.39 21.04 27.77
CA VAL A 137 -24.71 21.18 28.37
C VAL A 137 -24.54 21.26 29.88
N ASP A 138 -25.21 22.23 30.49
CA ASP A 138 -25.30 22.32 31.95
C ASP A 138 -26.72 21.88 32.31
N PHE A 139 -26.87 20.63 32.75
CA PHE A 139 -28.19 20.08 33.03
C PHE A 139 -28.82 20.69 34.27
N ALA A 140 -28.03 21.04 35.28
CA ALA A 140 -28.58 21.64 36.49
C ALA A 140 -29.17 23.01 36.19
N ARG A 141 -28.44 23.84 35.46
CA ARG A 141 -28.93 25.17 35.10
C ARG A 141 -29.79 25.15 33.85
N GLN A 142 -29.92 24.01 33.19
CA GLN A 142 -30.75 23.89 31.98
C GLN A 142 -30.29 24.86 30.90
N ARG A 143 -28.97 25.00 30.76
CA ARG A 143 -28.39 25.83 29.71
C ARG A 143 -27.42 25.00 28.90
N LEU A 144 -27.23 25.39 27.65
CA LEU A 144 -26.26 24.77 26.77
C LEU A 144 -25.44 25.85 26.08
N THR A 145 -24.29 25.45 25.58
CA THR A 145 -23.34 26.36 24.95
C THR A 145 -23.12 25.90 23.50
N LEU A 146 -23.25 26.84 22.58
CA LEU A 146 -23.03 26.61 21.17
C LEU A 146 -21.90 27.52 20.69
N SER A 147 -21.30 27.17 19.56
CA SER A 147 -20.25 28.01 19.00
C SER A 147 -20.14 27.78 17.50
N ASN A 148 -19.75 28.84 16.80
CA ASN A 148 -19.42 28.74 15.39
C ASN A 148 -17.97 28.28 15.22
N VAL A 149 -17.59 28.02 13.97
CA VAL A 149 -16.23 27.52 13.70
C VAL A 149 -15.19 28.54 14.15
N SER A 150 -15.53 29.83 14.12
CA SER A 150 -14.60 30.85 14.64
C SER A 150 -14.47 30.80 16.15
N GLY A 151 -15.22 29.94 16.84
CA GLY A 151 -15.09 29.79 18.28
C GLY A 151 -15.93 30.73 19.12
N GLU A 152 -16.64 31.67 18.50
CA GLU A 152 -17.51 32.58 19.24
C GLU A 152 -18.66 31.80 19.86
N ARG A 153 -18.84 31.95 21.17
CA ARG A 153 -19.77 31.13 21.93
C ARG A 153 -21.11 31.83 22.16
N LEU A 154 -22.18 31.03 22.20
CA LEU A 154 -23.52 31.48 22.53
C LEU A 154 -24.08 30.55 23.59
N GLU A 155 -24.81 31.10 24.56
CA GLU A 155 -25.52 30.33 25.56
C GLU A 155 -27.02 30.42 25.35
N LYS A 156 -27.72 29.30 25.57
CA LYS A 156 -29.16 29.22 25.40
C LYS A 156 -29.77 28.41 26.53
N ARG A 157 -30.95 28.83 26.98
CA ARG A 157 -31.74 28.01 27.87
C ARG A 157 -32.49 26.95 27.07
N PHE A 158 -32.75 25.80 27.70
CA PHE A 158 -33.55 24.75 27.09
C PHE A 158 -34.45 24.13 28.17
N HIS A 159 -35.61 23.65 27.73
CA HIS A 159 -36.52 22.90 28.59
C HIS A 159 -36.48 21.40 28.29
N LEU A 160 -36.38 21.04 27.03
CA LEU A 160 -36.23 19.65 26.60
C LEU A 160 -35.19 19.62 25.48
N LEU A 161 -34.23 18.69 25.58
CA LEU A 161 -33.11 18.62 24.65
C LEU A 161 -33.17 17.29 23.91
N ILE A 162 -33.27 17.35 22.59
CA ILE A 162 -33.26 16.15 21.75
C ILE A 162 -31.91 16.08 21.06
N GLY A 163 -31.17 15.00 21.32
CA GLY A 163 -29.92 14.74 20.64
C GLY A 163 -30.11 13.94 19.38
N ALA A 164 -30.14 14.64 18.24
CA ALA A 164 -30.17 14.04 16.92
C ALA A 164 -28.90 14.41 16.16
N ASP A 165 -27.76 14.40 16.86
CA ASP A 165 -26.51 14.95 16.35
C ASP A 165 -25.53 13.86 15.92
N GLY A 166 -26.03 12.68 15.55
CA GLY A 166 -25.21 11.72 14.82
C GLY A 166 -24.44 10.78 15.72
N CYS A 167 -23.65 9.92 15.07
CA CYS A 167 -23.00 8.83 15.78
C CYS A 167 -21.97 9.33 16.79
N ASN A 168 -21.48 10.55 16.64
CA ASN A 168 -20.57 11.17 17.61
C ASN A 168 -21.26 12.28 18.40
N SER A 169 -22.49 12.02 18.83
CA SER A 169 -23.36 13.00 19.46
C SER A 169 -22.65 13.74 20.59
N ALA A 170 -22.69 15.07 20.53
CA ALA A 170 -22.27 15.89 21.66
C ALA A 170 -23.30 15.84 22.79
N VAL A 171 -24.58 15.68 22.45
CA VAL A 171 -25.60 15.52 23.49
C VAL A 171 -25.34 14.25 24.28
N ARG A 172 -25.00 13.15 23.60
CA ARG A 172 -24.70 11.91 24.31
C ARG A 172 -23.50 12.09 25.25
N GLN A 173 -22.44 12.75 24.78
CA GLN A 173 -21.28 12.99 25.64
C GLN A 173 -21.69 13.75 26.90
N ALA A 174 -22.52 14.79 26.75
CA ALA A 174 -22.96 15.56 27.90
C ALA A 174 -23.83 14.73 28.83
N MET A 175 -24.73 13.91 28.27
CA MET A 175 -25.57 13.07 29.10
C MET A 175 -24.74 12.09 29.92
N ALA A 176 -23.71 11.51 29.31
CA ALA A 176 -22.87 10.55 30.02
C ALA A 176 -22.17 11.16 31.23
N SER A 177 -22.17 12.48 31.35
CA SER A 177 -21.55 13.14 32.50
C SER A 177 -22.47 13.21 33.70
N VAL A 178 -23.77 13.07 33.52
CA VAL A 178 -24.73 13.16 34.62
C VAL A 178 -25.43 11.83 34.88
N VAL A 179 -25.43 10.89 33.95
CA VAL A 179 -26.00 9.57 34.16
C VAL A 179 -25.11 8.54 33.49
N ASP A 180 -25.12 7.32 34.03
CA ASP A 180 -24.44 6.20 33.40
C ASP A 180 -25.35 5.64 32.31
N LEU A 181 -24.97 5.87 31.06
CA LEU A 181 -25.77 5.40 29.92
C LEU A 181 -25.54 3.93 29.61
N GLY A 182 -24.62 3.26 30.30
CA GLY A 182 -24.33 1.86 30.05
C GLY A 182 -23.85 1.62 28.64
N GLU A 183 -22.88 2.42 28.22
CA GLU A 183 -22.36 2.35 26.86
C GLU A 183 -21.46 1.14 26.67
N HIS A 184 -21.59 0.48 25.53
CA HIS A 184 -20.66 -0.54 25.08
C HIS A 184 -20.33 -0.30 23.62
N LEU A 185 -19.07 0.02 23.35
CA LEU A 185 -18.60 0.27 21.98
C LEU A 185 -17.99 -1.01 21.42
N GLU A 186 -18.44 -1.38 20.23
CA GLU A 186 -17.93 -2.56 19.53
C GLU A 186 -17.41 -2.09 18.18
N THR A 187 -16.10 -1.89 18.06
CA THR A 187 -15.50 -1.48 16.80
C THR A 187 -15.37 -2.67 15.87
N GLN A 188 -15.42 -2.40 14.56
CA GLN A 188 -15.26 -3.45 13.57
C GLN A 188 -13.95 -3.25 12.81
N PRO A 189 -13.33 -4.32 12.32
CA PRO A 189 -12.01 -4.19 11.67
C PRO A 189 -12.04 -3.58 10.28
N HIS A 190 -13.21 -3.42 9.66
CA HIS A 190 -13.30 -2.83 8.33
C HIS A 190 -13.50 -1.32 8.43
N GLY A 191 -12.79 -0.59 7.56
CA GLY A 191 -13.13 0.78 7.24
C GLY A 191 -13.86 0.84 5.90
N TYR A 192 -14.16 2.05 5.47
CA TYR A 192 -14.79 2.21 4.17
C TYR A 192 -14.31 3.49 3.49
N LYS A 193 -14.37 3.47 2.16
CA LYS A 193 -13.99 4.61 1.33
C LYS A 193 -15.06 4.81 0.27
N GLU A 194 -15.47 6.05 0.07
CA GLU A 194 -16.54 6.39 -0.85
C GLU A 194 -15.98 6.91 -2.16
N LEU A 195 -16.43 6.33 -3.26
CA LEU A 195 -15.96 6.62 -4.60
C LEU A 195 -17.16 7.00 -5.46
N GLN A 196 -16.91 7.31 -6.72
N GLN A 196 -16.90 7.29 -6.73
CA GLN A 196 -17.96 7.82 -7.59
CA GLN A 196 -17.91 7.87 -7.61
C GLN A 196 -17.84 7.21 -8.99
C GLN A 196 -17.83 7.25 -9.00
N ILE A 197 -19.00 7.02 -9.62
CA ILE A 197 -19.10 6.61 -11.00
C ILE A 197 -19.92 7.67 -11.72
N THR A 198 -19.39 8.20 -12.83
CA THR A 198 -20.06 9.25 -13.57
C THR A 198 -21.20 8.67 -14.41
N PRO A 199 -22.14 9.52 -14.85
CA PRO A 199 -23.18 9.03 -15.76
C PRO A 199 -22.63 8.47 -17.06
N GLU A 200 -21.58 9.08 -17.60
CA GLU A 200 -21.00 8.59 -18.84
C GLU A 200 -20.40 7.20 -18.63
N ALA A 201 -19.73 6.99 -17.50
CA ALA A 201 -19.07 5.71 -17.24
C ALA A 201 -20.08 4.60 -17.06
N SER A 202 -21.14 4.84 -16.27
CA SER A 202 -22.11 3.80 -16.01
C SER A 202 -22.88 3.42 -17.27
N ALA A 203 -23.16 4.39 -18.13
CA ALA A 203 -23.80 4.09 -19.41
C ALA A 203 -22.86 3.29 -20.31
N GLN A 204 -21.58 3.70 -20.38
CA GLN A 204 -20.64 3.02 -21.26
C GLN A 204 -20.53 1.55 -20.92
N PHE A 205 -20.60 1.19 -19.65
CA PHE A 205 -20.46 -0.19 -19.23
C PHE A 205 -21.79 -0.82 -18.83
N ASN A 206 -22.91 -0.18 -19.15
CA ASN A 206 -24.23 -0.81 -19.06
C ASN A 206 -24.56 -1.24 -17.63
N LEU A 207 -24.20 -0.40 -16.67
CA LEU A 207 -24.53 -0.67 -15.27
C LEU A 207 -26.00 -0.36 -15.04
N GLU A 208 -26.75 -1.37 -14.61
CA GLU A 208 -28.20 -1.26 -14.46
C GLU A 208 -28.56 -0.13 -13.50
N PRO A 209 -29.35 0.86 -13.91
CA PRO A 209 -29.69 1.96 -12.99
C PRO A 209 -30.69 1.56 -11.92
N ASN A 210 -31.61 0.64 -12.20
CA ASN A 210 -32.68 0.32 -11.25
C ASN A 210 -32.33 -0.89 -10.39
N ALA A 211 -31.15 -0.88 -9.78
CA ALA A 211 -30.71 -2.00 -8.97
C ALA A 211 -29.62 -1.54 -8.00
N LEU A 212 -29.49 -2.28 -6.91
CA LEU A 212 -28.38 -2.12 -5.99
C LEU A 212 -27.29 -3.10 -6.40
N HIS A 213 -26.06 -2.59 -6.53
CA HIS A 213 -24.96 -3.37 -7.07
C HIS A 213 -23.97 -3.74 -5.97
N ILE A 214 -23.50 -4.99 -6.00
CA ILE A 214 -22.56 -5.51 -5.01
C ILE A 214 -21.43 -6.24 -5.74
N TRP A 215 -20.20 -5.99 -5.31
CA TRP A 215 -19.00 -6.67 -5.80
C TRP A 215 -18.40 -7.44 -4.64
N PRO A 216 -18.85 -8.68 -4.40
CA PRO A 216 -18.26 -9.47 -3.30
C PRO A 216 -16.85 -9.93 -3.63
N HIS A 217 -16.00 -9.96 -2.61
CA HIS A 217 -14.63 -10.42 -2.77
C HIS A 217 -14.05 -10.92 -1.46
N GLY A 218 -14.83 -11.69 -0.70
CA GLY A 218 -14.36 -12.25 0.54
C GLY A 218 -14.28 -11.22 1.65
N ASP A 219 -13.06 -10.96 2.13
CA ASP A 219 -12.85 -10.05 3.25
C ASP A 219 -13.02 -8.58 2.88
N TYR A 220 -13.26 -8.25 1.62
CA TYR A 220 -13.55 -6.89 1.20
C TYR A 220 -14.57 -6.92 0.08
N MET A 221 -15.17 -5.77 -0.21
CA MET A 221 -16.22 -5.70 -1.21
C MET A 221 -16.54 -4.25 -1.51
N CYS A 222 -17.29 -4.05 -2.60
CA CYS A 222 -17.80 -2.75 -2.98
C CYS A 222 -19.31 -2.85 -3.16
N ILE A 223 -19.99 -1.73 -2.92
CA ILE A 223 -21.42 -1.60 -3.15
C ILE A 223 -21.67 -0.27 -3.85
N ALA A 224 -22.69 -0.24 -4.70
CA ALA A 224 -22.98 0.96 -5.48
C ALA A 224 -24.48 1.18 -5.53
N LEU A 225 -24.91 2.42 -5.29
CA LEU A 225 -26.30 2.84 -5.38
C LEU A 225 -26.46 3.90 -6.45
N PRO A 226 -27.58 3.89 -7.20
CA PRO A 226 -27.74 4.83 -8.30
C PRO A 226 -28.29 6.18 -7.86
N ASN A 227 -28.11 7.15 -8.75
CA ASN A 227 -28.69 8.48 -8.61
C ASN A 227 -29.52 8.80 -9.86
N LEU A 228 -30.31 9.88 -9.77
CA LEU A 228 -31.24 10.22 -10.84
C LEU A 228 -30.53 10.44 -12.16
N ASP A 229 -29.30 10.94 -12.13
CA ASP A 229 -28.55 11.29 -13.33
C ASP A 229 -27.68 10.15 -13.85
N ARG A 230 -27.89 8.94 -13.35
CA ARG A 230 -27.21 7.71 -13.76
C ARG A 230 -25.80 7.61 -13.18
N SER A 231 -25.36 8.55 -12.34
CA SER A 231 -24.16 8.33 -11.57
C SER A 231 -24.45 7.37 -10.41
N PHE A 232 -23.38 6.77 -9.88
CA PHE A 232 -23.48 5.86 -8.76
C PHE A 232 -22.52 6.30 -7.67
N THR A 233 -22.94 6.10 -6.42
CA THR A 233 -22.06 6.23 -5.27
C THR A 233 -21.53 4.83 -4.92
N VAL A 234 -20.21 4.70 -4.88
CA VAL A 234 -19.55 3.42 -4.60
C VAL A 234 -18.90 3.48 -3.23
N THR A 235 -19.08 2.42 -2.44
CA THR A 235 -18.44 2.30 -1.13
C THR A 235 -17.58 1.05 -1.10
N LEU A 236 -16.29 1.23 -0.80
CA LEU A 236 -15.36 0.13 -0.61
C LEU A 236 -15.28 -0.20 0.87
N PHE A 237 -15.41 -1.47 1.22
CA PHE A 237 -15.23 -1.95 2.58
C PHE A 237 -13.98 -2.81 2.63
N LEU A 238 -13.04 -2.46 3.51
CA LEU A 238 -11.72 -3.08 3.52
C LEU A 238 -11.12 -2.93 4.92
N HIS A 239 -10.33 -3.94 5.30
CA HIS A 239 -9.65 -3.91 6.60
C HIS A 239 -8.78 -2.67 6.75
N HIS A 240 -8.86 -2.05 7.93
CA HIS A 240 -7.93 -0.97 8.25
C HIS A 240 -6.49 -1.46 8.17
N GLN A 241 -6.22 -2.61 8.78
CA GLN A 241 -4.87 -3.14 8.93
C GLN A 241 -4.84 -4.59 8.49
N SER A 242 -3.70 -5.01 8.00
CA SER A 242 -3.52 -6.43 7.74
C SER A 242 -3.18 -7.15 9.05
N PRO A 243 -3.65 -8.38 9.24
CA PRO A 243 -3.24 -9.13 10.42
C PRO A 243 -1.76 -9.49 10.37
N ALA A 244 -1.14 -9.56 11.55
CA ALA A 244 0.27 -9.91 11.63
C ALA A 244 0.45 -11.43 11.56
N PRO A 247 -0.50 -10.39 6.77
CA PRO A 247 0.55 -9.38 6.89
C PRO A 247 0.70 -8.57 5.61
N ALA A 248 0.62 -9.26 4.47
CA ALA A 248 0.58 -8.62 3.17
C ALA A 248 -0.82 -8.67 2.55
N SER A 249 -1.84 -9.03 3.33
CA SER A 249 -3.18 -9.11 2.79
C SER A 249 -3.73 -7.70 2.56
N PRO A 250 -4.72 -7.57 1.68
CA PRO A 250 -5.22 -6.24 1.33
C PRO A 250 -5.73 -5.49 2.56
N SER A 251 -5.39 -4.22 2.64
CA SER A 251 -5.89 -3.35 3.72
C SER A 251 -5.63 -1.91 3.32
N PHE A 252 -6.30 -0.99 4.03
CA PHE A 252 -6.11 0.42 3.77
C PHE A 252 -4.67 0.85 4.06
N ALA A 253 -4.02 0.21 5.04
CA ALA A 253 -2.62 0.52 5.32
C ALA A 253 -1.72 0.11 4.16
N GLN A 254 -2.09 -0.94 3.42
CA GLN A 254 -1.30 -1.39 2.29
C GLN A 254 -1.46 -0.48 1.07
N LEU A 255 -2.50 0.36 1.06
CA LEU A 255 -2.78 1.24 -0.09
C LEU A 255 -2.28 2.64 0.28
N VAL A 256 -0.97 2.83 0.08
CA VAL A 256 -0.31 4.04 0.56
C VAL A 256 -0.77 5.29 -0.17
N ASP A 257 -1.25 5.15 -1.42
CA ASP A 257 -1.67 6.30 -2.19
C ASP A 257 -2.72 5.87 -3.21
N GLY A 258 -3.25 6.85 -3.95
CA GLY A 258 -4.29 6.54 -4.92
C GLY A 258 -3.80 5.64 -6.06
N HIS A 259 -2.51 5.70 -6.37
CA HIS A 259 -1.97 4.82 -7.41
C HIS A 259 -1.99 3.38 -6.94
N ALA A 260 -1.72 3.15 -5.66
CA ALA A 260 -1.86 1.80 -5.10
C ALA A 260 -3.32 1.35 -5.14
N ALA A 261 -4.24 2.24 -4.81
CA ALA A 261 -5.66 1.89 -4.88
C ALA A 261 -6.05 1.46 -6.29
N ARG A 262 -5.55 2.15 -7.32
CA ARG A 262 -5.86 1.75 -8.68
C ARG A 262 -5.37 0.33 -8.98
N ARG A 263 -4.11 0.03 -8.63
CA ARG A 263 -3.62 -1.31 -8.87
C ARG A 263 -4.44 -2.35 -8.12
N PHE A 264 -4.84 -2.03 -6.90
CA PHE A 264 -5.69 -2.93 -6.12
C PHE A 264 -7.01 -3.18 -6.85
N PHE A 265 -7.65 -2.11 -7.33
CA PHE A 265 -8.94 -2.26 -8.01
C PHE A 265 -8.78 -2.96 -9.35
N GLN A 266 -7.73 -2.62 -10.11
CA GLN A 266 -7.51 -3.27 -11.39
C GLN A 266 -7.28 -4.75 -11.24
N ARG A 267 -6.74 -5.18 -10.10
CA ARG A 267 -6.47 -6.58 -9.82
C ARG A 267 -7.69 -7.28 -9.21
N GLN A 268 -8.30 -6.67 -8.20
CA GLN A 268 -9.34 -7.33 -7.42
C GLN A 268 -10.74 -7.02 -7.92
N PHE A 269 -10.94 -5.88 -8.57
CA PHE A 269 -12.25 -5.46 -9.07
C PHE A 269 -12.11 -5.04 -10.53
N PRO A 270 -11.66 -5.94 -11.40
CA PRO A 270 -11.32 -5.53 -12.78
C PRO A 270 -12.50 -4.98 -13.57
N ASP A 271 -13.71 -5.47 -13.34
CA ASP A 271 -14.87 -4.96 -14.08
C ASP A 271 -15.41 -3.67 -13.49
N LEU A 272 -14.93 -3.24 -12.33
CA LEU A 272 -15.36 -1.99 -11.70
C LEU A 272 -14.34 -0.87 -11.86
N SER A 273 -13.05 -1.20 -11.85
CA SER A 273 -12.02 -0.17 -12.01
C SER A 273 -12.24 0.72 -13.23
N PRO A 274 -12.64 0.21 -14.40
CA PRO A 274 -12.81 1.11 -15.56
C PRO A 274 -13.85 2.18 -15.34
N MET A 275 -14.83 1.94 -14.46
CA MET A 275 -15.89 2.92 -14.21
C MET A 275 -15.52 3.96 -13.17
N LEU A 276 -14.40 3.78 -12.46
CA LEU A 276 -13.96 4.70 -11.42
C LEU A 276 -12.90 5.63 -12.02
N ASP A 277 -13.38 6.65 -12.73
CA ASP A 277 -12.47 7.57 -13.41
C ASP A 277 -11.66 8.38 -12.40
N SER A 278 -12.29 8.81 -11.30
CA SER A 278 -11.64 9.65 -10.31
C SER A 278 -11.15 8.84 -9.10
N LEU A 279 -10.82 7.57 -9.30
CA LEU A 279 -10.42 6.72 -8.18
C LEU A 279 -9.24 7.30 -7.41
N GLU A 280 -8.17 7.67 -8.13
CA GLU A 280 -6.94 8.08 -7.46
C GLU A 280 -7.18 9.29 -6.56
N GLN A 281 -7.90 10.30 -7.07
CA GLN A 281 -8.12 11.52 -6.30
C GLN A 281 -9.14 11.31 -5.19
N ASP A 282 -10.24 10.60 -5.49
CA ASP A 282 -11.22 10.30 -4.45
C ASP A 282 -10.59 9.50 -3.32
N PHE A 283 -9.72 8.55 -3.65
CA PHE A 283 -9.13 7.71 -2.62
C PHE A 283 -8.25 8.52 -1.68
N GLU A 284 -7.55 9.53 -2.20
CA GLU A 284 -6.65 10.33 -1.39
C GLU A 284 -7.35 11.50 -0.70
N HIS A 285 -8.39 12.06 -1.30
CA HIS A 285 -9.06 13.22 -0.72
C HIS A 285 -10.21 12.85 0.18
N HIS A 286 -10.86 11.71 -0.05
CA HIS A 286 -11.97 11.29 0.81
C HIS A 286 -11.41 10.50 1.99
N PRO A 287 -11.70 10.90 3.23
CA PRO A 287 -11.13 10.17 4.37
C PRO A 287 -11.75 8.80 4.54
N THR A 288 -10.99 7.90 5.15
CA THR A 288 -11.45 6.55 5.43
C THR A 288 -12.38 6.55 6.62
N GLY A 289 -13.55 5.95 6.46
CA GLY A 289 -14.53 5.89 7.52
C GLY A 289 -14.33 4.70 8.44
N LYS A 290 -14.91 4.81 9.63
CA LYS A 290 -14.81 3.78 10.65
C LYS A 290 -16.18 3.12 10.85
N LEU A 291 -16.16 1.85 11.21
CA LEU A 291 -17.38 1.11 11.50
C LEU A 291 -17.40 0.70 12.97
N ALA A 292 -18.55 0.85 13.60
CA ALA A 292 -18.68 0.51 15.01
C ALA A 292 -20.15 0.42 15.36
N THR A 293 -20.43 -0.35 16.40
CA THR A 293 -21.75 -0.47 16.98
C THR A 293 -21.65 0.02 18.42
N LEU A 294 -22.51 0.96 18.79
CA LEU A 294 -22.55 1.48 20.16
C LEU A 294 -23.93 1.23 20.74
N ARG A 295 -23.99 0.54 21.86
CA ARG A 295 -25.23 0.17 22.52
C ARG A 295 -25.34 0.88 23.85
N LEU A 296 -26.50 1.50 24.10
CA LEU A 296 -26.77 2.17 25.36
C LEU A 296 -27.89 1.46 26.10
N THR A 297 -27.76 1.34 27.43
CA THR A 297 -28.86 0.79 28.22
C THR A 297 -29.99 1.80 28.36
N THR A 298 -29.67 3.09 28.43
CA THR A 298 -30.69 4.13 28.53
C THR A 298 -30.37 5.26 27.56
N TRP A 299 -31.44 5.92 27.09
CA TRP A 299 -31.33 6.94 26.06
C TRP A 299 -31.75 8.33 26.55
N HIS A 300 -32.02 8.50 27.85
CA HIS A 300 -32.55 9.76 28.32
C HIS A 300 -32.05 10.08 29.72
N VAL A 301 -32.09 11.36 30.05
CA VAL A 301 -31.81 11.86 31.39
C VAL A 301 -33.11 12.45 31.91
N GLY A 302 -33.81 11.70 32.77
CA GLY A 302 -35.08 12.16 33.29
C GLY A 302 -35.97 12.68 32.17
N GLY A 303 -36.58 13.84 32.38
CA GLY A 303 -37.33 14.53 31.36
C GLY A 303 -36.57 15.63 30.64
N GLN A 304 -35.25 15.69 30.79
CA GLN A 304 -34.47 16.80 30.27
C GLN A 304 -33.92 16.56 28.86
N ALA A 305 -33.48 15.35 28.56
CA ALA A 305 -32.81 15.10 27.29
C ALA A 305 -33.01 13.66 26.85
N VAL A 306 -32.98 13.46 25.54
CA VAL A 306 -33.17 12.15 24.93
C VAL A 306 -32.35 12.08 23.65
N LEU A 307 -31.91 10.87 23.31
CA LEU A 307 -31.17 10.59 22.08
C LEU A 307 -32.04 9.81 21.12
N LEU A 308 -31.82 10.02 19.82
CA LEU A 308 -32.41 9.15 18.82
C LEU A 308 -31.52 9.11 17.59
N GLY A 309 -31.79 8.13 16.73
CA GLY A 309 -31.00 7.97 15.53
C GLY A 309 -29.61 7.44 15.84
N ASP A 310 -28.64 7.91 15.05
CA ASP A 310 -27.26 7.50 15.24
C ASP A 310 -26.71 7.95 16.59
N ALA A 311 -27.26 9.03 17.15
CA ALA A 311 -26.83 9.45 18.48
C ALA A 311 -27.11 8.38 19.53
N ALA A 312 -28.17 7.61 19.35
CA ALA A 312 -28.59 6.62 20.33
C ALA A 312 -28.04 5.22 20.05
N HIS A 313 -27.90 4.84 18.78
CA HIS A 313 -27.58 3.45 18.42
C HIS A 313 -26.83 3.41 17.10
N PRO A 314 -25.58 3.88 17.10
CA PRO A 314 -24.73 3.70 15.91
C PRO A 314 -24.63 2.22 15.54
N MET A 315 -24.72 1.94 14.24
CA MET A 315 -24.68 0.59 13.72
C MET A 315 -23.87 0.56 12.44
N VAL A 316 -23.48 -0.65 12.02
CA VAL A 316 -22.77 -0.81 10.75
C VAL A 316 -23.77 -0.60 9.62
N PRO A 317 -23.34 -0.11 8.46
CA PRO A 317 -24.28 0.26 7.40
C PRO A 317 -24.83 -0.92 6.60
N PHE A 318 -24.40 -2.14 6.88
CA PHE A 318 -24.93 -3.29 6.16
C PHE A 318 -26.39 -3.48 6.52
N HIS A 319 -27.18 -3.88 5.52
CA HIS A 319 -28.63 -3.93 5.52
C HIS A 319 -29.25 -2.58 5.18
N GLY A 320 -28.46 -1.51 5.14
CA GLY A 320 -28.98 -0.19 4.79
C GLY A 320 -30.19 0.23 5.59
N GLN A 321 -30.07 0.28 6.92
CA GLN A 321 -31.21 0.56 7.76
C GLN A 321 -31.01 1.67 8.78
N GLY A 322 -29.82 2.29 8.83
CA GLY A 322 -29.58 3.32 9.81
C GLY A 322 -30.53 4.50 9.68
N MET A 323 -30.68 5.03 8.46
CA MET A 323 -31.62 6.13 8.24
C MET A 323 -33.04 5.67 8.46
N ASN A 324 -33.40 4.48 7.97
CA ASN A 324 -34.76 3.99 8.12
C ASN A 324 -35.12 3.85 9.60
N CYS A 325 -34.19 3.33 10.41
CA CYS A 325 -34.42 3.24 11.84
C CYS A 325 -34.53 4.64 12.46
N ALA A 326 -33.67 5.57 12.02
CA ALA A 326 -33.69 6.93 12.55
C ALA A 326 -35.02 7.63 12.26
N LEU A 327 -35.54 7.49 11.04
CA LEU A 327 -36.83 8.07 10.74
C LEU A 327 -37.93 7.41 11.55
N GLU A 328 -37.84 6.10 11.72
CA GLU A 328 -38.79 5.36 12.57
C GLU A 328 -38.70 5.84 14.01
N ASP A 329 -37.49 6.11 14.51
CA ASP A 329 -37.33 6.69 15.84
C ASP A 329 -38.05 8.02 15.95
N ALA A 330 -37.92 8.87 14.93
CA ALA A 330 -38.47 10.21 14.99
C ALA A 330 -39.99 10.18 15.15
N VAL A 331 -40.66 9.31 14.39
CA VAL A 331 -42.11 9.18 14.53
C VAL A 331 -42.47 8.75 15.95
N ALA A 332 -41.77 7.75 16.47
CA ALA A 332 -42.09 7.22 17.80
C ALA A 332 -41.88 8.27 18.89
N LEU A 333 -40.79 9.04 18.79
CA LEU A 333 -40.50 10.04 19.81
C LEU A 333 -41.55 11.14 19.78
N ALA A 334 -41.91 11.62 18.59
CA ALA A 334 -42.95 12.64 18.49
C ALA A 334 -44.27 12.12 19.06
N GLU A 335 -44.58 10.84 18.83
CA GLU A 335 -45.82 10.28 19.33
C GLU A 335 -45.83 10.25 20.87
N HIS A 336 -44.74 9.75 21.48
CA HIS A 336 -44.68 9.69 22.93
C HIS A 336 -44.75 11.08 23.54
N LEU A 337 -43.94 12.01 23.02
CA LEU A 337 -43.93 13.37 23.56
C LEU A 337 -45.30 14.03 23.44
N GLN A 338 -46.02 13.76 22.35
CA GLN A 338 -47.28 14.44 22.11
C GLN A 338 -48.34 14.03 23.13
N SER A 339 -48.34 12.76 23.55
CA SER A 339 -49.48 12.20 24.27
C SER A 339 -49.16 11.74 25.69
N ALA A 340 -47.95 11.97 26.18
CA ALA A 340 -47.57 11.45 27.49
C ALA A 340 -47.99 12.40 28.61
N ALA A 341 -48.03 11.87 29.83
CA ALA A 341 -48.38 12.68 30.99
C ALA A 341 -47.36 13.79 31.20
N ASP A 342 -46.09 13.49 30.97
CA ASP A 342 -45.03 14.48 31.12
C ASP A 342 -43.83 13.98 30.32
N ASN A 343 -42.87 14.88 30.13
CA ASN A 343 -41.72 14.55 29.29
C ASN A 343 -40.95 13.35 29.83
N ALA A 344 -40.75 13.30 31.15
CA ALA A 344 -40.01 12.19 31.74
C ALA A 344 -40.68 10.86 31.42
N SER A 345 -42.01 10.82 31.48
CA SER A 345 -42.72 9.59 31.13
C SER A 345 -42.55 9.27 29.64
N ALA A 346 -42.66 10.29 28.79
CA ALA A 346 -42.52 10.06 27.35
C ALA A 346 -41.15 9.50 27.00
N LEU A 347 -40.09 10.05 27.59
CA LEU A 347 -38.74 9.63 27.22
C LEU A 347 -38.47 8.22 27.69
N ALA A 348 -38.97 7.85 28.88
CA ALA A 348 -38.82 6.48 29.34
C ALA A 348 -39.63 5.52 28.48
N ALA A 349 -40.84 5.91 28.09
CA ALA A 349 -41.66 5.04 27.25
C ALA A 349 -41.07 4.93 25.85
N PHE A 350 -40.55 6.03 25.31
CA PHE A 350 -39.87 6.00 24.02
C PHE A 350 -38.69 5.04 24.07
N THR A 351 -37.83 5.17 25.08
CA THR A 351 -36.71 4.26 25.24
C THR A 351 -37.18 2.82 25.33
N ALA A 352 -38.20 2.56 26.15
CA ALA A 352 -38.67 1.19 26.33
C ALA A 352 -39.17 0.59 25.02
N GLN A 353 -39.81 1.40 24.17
CA GLN A 353 -40.31 0.88 22.90
C GLN A 353 -39.18 0.62 21.92
N ARG A 354 -38.29 1.60 21.74
CA ARG A 354 -37.38 1.57 20.61
C ARG A 354 -36.06 0.86 20.91
N GLN A 355 -35.65 0.81 22.16
CA GLN A 355 -34.35 0.21 22.48
C GLN A 355 -34.26 -1.26 22.06
N PRO A 356 -35.25 -2.11 22.31
CA PRO A 356 -35.13 -3.50 21.84
C PRO A 356 -35.10 -3.63 20.33
N ASP A 357 -35.83 -2.77 19.61
CA ASP A 357 -35.79 -2.81 18.16
C ASP A 357 -34.43 -2.37 17.63
N ALA A 358 -33.83 -1.35 18.25
CA ALA A 358 -32.51 -0.91 17.83
C ALA A 358 -31.47 -2.02 18.02
N LEU A 359 -31.52 -2.73 19.15
CA LEU A 359 -30.63 -3.86 19.35
C LEU A 359 -30.80 -4.92 18.26
N ALA A 360 -32.05 -5.16 17.87
CA ALA A 360 -32.30 -6.20 16.86
C ALA A 360 -31.67 -5.83 15.53
N ILE A 361 -31.87 -4.60 15.06
CA ILE A 361 -31.30 -4.22 13.77
C ILE A 361 -29.78 -4.07 13.89
N GLN A 362 -29.29 -3.59 15.02
CA GLN A 362 -27.85 -3.56 15.23
C GLN A 362 -27.25 -4.95 15.07
N ALA A 363 -27.93 -5.97 15.62
CA ALA A 363 -27.42 -7.34 15.53
C ALA A 363 -27.54 -7.89 14.11
N MET A 364 -28.66 -7.63 13.44
CA MET A 364 -28.84 -8.14 12.08
C MET A 364 -27.90 -7.46 11.10
N ALA A 365 -27.61 -6.18 11.30
CA ALA A 365 -26.65 -5.52 10.42
C ALA A 365 -25.27 -6.14 10.56
N LEU A 366 -24.84 -6.41 11.80
CA LEU A 366 -23.56 -7.08 12.00
C LEU A 366 -23.56 -8.47 11.40
N GLU A 367 -24.67 -9.21 11.53
CA GLU A 367 -24.74 -10.53 10.92
C GLU A 367 -24.61 -10.44 9.41
N ASN A 368 -25.27 -9.46 8.80
CA ASN A 368 -25.10 -9.22 7.37
C ASN A 368 -23.65 -8.84 7.05
N TYR A 369 -23.04 -8.03 7.91
CA TYR A 369 -21.63 -7.68 7.77
C TYR A 369 -20.76 -8.93 7.76
N VAL A 370 -20.98 -9.84 8.72
CA VAL A 370 -20.19 -11.05 8.79
C VAL A 370 -20.45 -11.94 7.58
N GLU A 371 -21.72 -12.04 7.17
CA GLU A 371 -22.08 -12.96 6.10
C GLU A 371 -21.46 -12.56 4.77
N MET A 372 -21.31 -11.26 4.51
CA MET A 372 -20.66 -10.78 3.30
C MET A 372 -19.16 -10.59 3.46
N SER A 373 -18.56 -11.11 4.52
CA SER A 373 -17.13 -10.99 4.73
C SER A 373 -16.54 -12.26 5.33
N TYR A 381 -23.05 -23.62 2.81
CA TYR A 381 -23.75 -22.35 3.00
C TYR A 381 -24.56 -22.01 1.75
N LEU A 382 -23.96 -22.23 0.58
CA LEU A 382 -24.66 -21.97 -0.68
C LEU A 382 -25.92 -22.82 -0.79
N LEU A 383 -25.89 -24.04 -0.28
CA LEU A 383 -27.06 -24.90 -0.34
C LEU A 383 -28.21 -24.35 0.50
N GLU A 384 -27.91 -23.80 1.68
CA GLU A 384 -28.96 -23.25 2.53
C GLU A 384 -29.72 -22.14 1.80
N ARG A 385 -29.00 -21.17 1.25
CA ARG A 385 -29.67 -20.08 0.52
C ARG A 385 -30.46 -20.62 -0.65
N GLU A 386 -29.97 -21.68 -1.31
CA GLU A 386 -30.69 -22.24 -2.45
C GLU A 386 -31.99 -22.88 -2.01
N LEU A 387 -31.98 -23.63 -0.91
CA LEU A 387 -33.21 -24.20 -0.37
C LEU A 387 -34.14 -23.11 0.12
N GLY A 388 -33.59 -22.06 0.74
CA GLY A 388 -34.42 -20.96 1.20
C GLY A 388 -35.11 -20.24 0.06
N GLN A 389 -34.42 -20.07 -1.07
CA GLN A 389 -35.03 -19.47 -2.24
C GLN A 389 -36.22 -20.28 -2.73
N ILE A 390 -36.15 -21.60 -2.62
CA ILE A 390 -37.28 -22.44 -3.00
C ILE A 390 -38.41 -22.29 -2.00
N MET A 391 -38.08 -22.27 -0.70
CA MET A 391 -39.10 -22.18 0.33
C MET A 391 -39.83 -20.83 0.31
N ALA A 392 -39.14 -19.75 -0.04
CA ALA A 392 -39.78 -18.45 -0.12
C ALA A 392 -40.78 -18.39 -1.27
N GLN A 393 -40.53 -19.14 -2.34
CA GLN A 393 -41.45 -19.19 -3.47
C GLN A 393 -42.66 -20.08 -3.18
N ARG A 394 -42.47 -21.15 -2.40
CA ARG A 394 -43.54 -22.09 -2.12
C ARG A 394 -44.50 -21.60 -1.04
N GLN A 395 -44.00 -20.87 -0.05
CA GLN A 395 -44.82 -20.41 1.07
C GLN A 395 -44.62 -18.92 1.33
N PRO A 396 -45.06 -18.07 0.41
CA PRO A 396 -45.06 -16.63 0.71
C PRO A 396 -45.98 -16.34 1.88
N THR A 397 -45.71 -15.24 2.57
CA THR A 397 -46.42 -14.79 3.75
C THR A 397 -46.01 -15.61 4.98
N ARG A 398 -45.26 -16.70 4.83
CA ARG A 398 -44.75 -17.48 5.95
C ARG A 398 -43.24 -17.56 5.96
N PHE A 399 -42.62 -17.80 4.81
CA PHE A 399 -41.16 -17.86 4.68
C PHE A 399 -40.73 -16.65 3.84
N ILE A 400 -40.18 -15.64 4.51
CA ILE A 400 -39.80 -14.40 3.86
C ILE A 400 -38.31 -14.17 4.12
N PRO A 401 -37.49 -14.00 3.07
CA PRO A 401 -36.04 -13.80 3.30
C PRO A 401 -35.71 -12.65 4.23
N ARG A 402 -34.51 -12.72 4.82
CA ARG A 402 -34.11 -11.74 5.84
C ARG A 402 -34.10 -10.33 5.28
N TYR A 403 -33.40 -10.12 4.16
CA TYR A 403 -33.31 -8.78 3.59
C TYR A 403 -34.66 -8.23 3.14
N SER A 404 -35.69 -9.07 3.05
CA SER A 404 -37.02 -8.59 2.70
C SER A 404 -37.81 -8.15 3.93
N MET A 405 -37.76 -8.93 5.00
CA MET A 405 -38.54 -8.60 6.19
C MET A 405 -38.09 -7.29 6.81
N VAL A 406 -36.77 -7.11 6.95
CA VAL A 406 -36.26 -5.86 7.50
C VAL A 406 -36.62 -4.69 6.59
N THR A 407 -36.72 -4.95 5.29
CA THR A 407 -36.80 -3.89 4.30
C THR A 407 -38.23 -3.57 3.87
N PHE A 408 -39.06 -4.57 3.62
CA PHE A 408 -40.35 -4.38 2.97
C PHE A 408 -41.53 -4.44 3.92
N SER A 409 -41.30 -4.39 5.22
CA SER A 409 -42.39 -4.44 6.17
C SER A 409 -42.06 -3.56 7.37
N ARG A 410 -43.09 -2.99 7.97
CA ARG A 410 -42.92 -2.21 9.18
C ARG A 410 -42.90 -3.10 10.41
N LEU A 411 -42.82 -4.42 10.18
CA LEU A 411 -42.63 -5.39 11.25
C LEU A 411 -41.53 -4.92 12.18
N PRO A 412 -41.72 -4.95 13.50
CA PRO A 412 -40.64 -4.53 14.40
C PRO A 412 -39.39 -5.34 14.13
N TYR A 413 -38.24 -4.66 14.19
CA TYR A 413 -36.96 -5.31 13.93
C TYR A 413 -36.83 -6.59 14.74
N ALA A 414 -37.21 -6.57 16.02
CA ALA A 414 -37.03 -7.74 16.86
C ALA A 414 -37.87 -8.92 16.35
N GLN A 415 -39.03 -8.65 15.77
CA GLN A 415 -39.84 -9.73 15.20
C GLN A 415 -39.23 -10.23 13.90
N ALA A 416 -38.70 -9.33 13.08
CA ALA A 416 -37.97 -9.76 11.89
C ALA A 416 -36.83 -10.70 12.26
N MET A 417 -36.09 -10.36 13.31
CA MET A 417 -34.98 -11.19 13.74
C MET A 417 -35.47 -12.55 14.24
N ALA A 418 -36.52 -12.56 15.06
CA ALA A 418 -37.01 -13.81 15.62
C ALA A 418 -37.43 -14.78 14.52
N ARG A 419 -38.21 -14.30 13.54
CA ARG A 419 -38.58 -15.16 12.42
C ARG A 419 -37.36 -15.58 11.61
N GLY A 420 -36.36 -14.70 11.50
CA GLY A 420 -35.16 -15.06 10.74
C GLY A 420 -34.44 -16.24 11.35
N GLN A 421 -34.39 -16.31 12.68
CA GLN A 421 -33.70 -17.43 13.33
C GLN A 421 -34.45 -18.73 13.11
N ILE A 422 -35.78 -18.70 13.21
CA ILE A 422 -36.58 -19.89 12.94
C ILE A 422 -36.33 -20.40 11.53
N GLN A 423 -36.34 -19.48 10.56
CA GLN A 423 -36.10 -19.85 9.17
C GLN A 423 -34.68 -20.39 8.99
N GLU A 424 -33.71 -19.75 9.64
CA GLU A 424 -32.32 -20.20 9.50
C GLU A 424 -32.13 -21.59 10.07
N GLN A 425 -32.70 -21.85 11.26
CA GLN A 425 -32.60 -23.19 11.85
C GLN A 425 -33.34 -24.21 11.01
N LEU A 426 -34.53 -23.86 10.53
CA LEU A 426 -35.29 -24.77 9.67
C LEU A 426 -34.45 -25.20 8.48
N LEU A 427 -33.76 -24.25 7.84
CA LEU A 427 -32.88 -24.60 6.72
C LEU A 427 -31.74 -25.48 7.18
N LYS A 428 -31.22 -25.24 8.39
CA LYS A 428 -30.11 -26.03 8.91
C LYS A 428 -30.48 -27.50 9.02
N PHE A 429 -31.69 -27.80 9.52
CA PHE A 429 -32.08 -29.20 9.68
C PHE A 429 -32.32 -29.87 8.32
N ALA A 430 -32.86 -29.12 7.36
CA ALA A 430 -33.13 -29.70 6.05
C ALA A 430 -31.85 -30.00 5.29
N VAL A 431 -30.85 -29.12 5.41
CA VAL A 431 -29.61 -29.30 4.67
C VAL A 431 -28.60 -30.20 5.38
N ALA A 432 -28.72 -30.36 6.70
CA ALA A 432 -27.73 -31.12 7.45
C ALA A 432 -27.58 -32.53 6.89
N ASN A 433 -26.32 -32.96 6.74
CA ASN A 433 -25.98 -34.31 6.28
C ASN A 433 -26.44 -34.57 4.86
N HIS A 434 -26.55 -33.52 4.06
CA HIS A 434 -26.82 -33.62 2.62
C HIS A 434 -25.83 -32.75 1.86
N SER A 435 -25.28 -33.31 0.77
CA SER A 435 -24.34 -32.57 -0.06
C SER A 435 -25.01 -31.77 -1.17
N ASP A 436 -26.15 -32.24 -1.69
CA ASP A 436 -26.84 -31.56 -2.79
C ASP A 436 -28.32 -31.47 -2.47
N LEU A 437 -29.05 -30.75 -3.32
CA LEU A 437 -30.46 -30.46 -3.05
C LEU A 437 -31.40 -31.59 -3.48
N THR A 438 -30.96 -32.46 -4.40
CA THR A 438 -31.84 -33.52 -4.87
C THR A 438 -32.13 -34.53 -3.77
N SER A 439 -31.31 -34.56 -2.73
CA SER A 439 -31.47 -35.50 -1.62
C SER A 439 -32.40 -34.98 -0.54
N ILE A 440 -32.98 -33.80 -0.73
CA ILE A 440 -33.80 -33.14 0.30
C ILE A 440 -35.27 -33.37 -0.02
N ASN A 441 -36.04 -33.72 1.00
CA ASN A 441 -37.49 -33.88 0.87
C ASN A 441 -38.12 -32.50 0.98
N LEU A 442 -38.45 -31.92 -0.19
CA LEU A 442 -38.94 -30.54 -0.20
C LEU A 442 -40.29 -30.41 0.49
N ASP A 443 -41.15 -31.42 0.35
CA ASP A 443 -42.47 -31.36 0.99
C ASP A 443 -42.35 -31.44 2.52
N ALA A 444 -41.35 -32.17 3.02
CA ALA A 444 -41.14 -32.22 4.47
C ALA A 444 -40.67 -30.87 5.00
N VAL A 445 -39.81 -30.18 4.24
CA VAL A 445 -39.38 -28.84 4.65
C VAL A 445 -40.56 -27.89 4.70
N GLU A 446 -41.47 -28.00 3.72
CA GLU A 446 -42.63 -27.12 3.68
C GLU A 446 -43.55 -27.33 4.88
N HIS A 447 -43.67 -28.56 5.36
CA HIS A 447 -44.54 -28.82 6.51
C HIS A 447 -43.98 -28.15 7.76
N GLU A 448 -42.66 -28.14 7.92
CA GLU A 448 -42.08 -27.46 9.08
C GLU A 448 -42.30 -25.96 9.00
N VAL A 449 -42.31 -25.39 7.79
CA VAL A 449 -42.61 -23.97 7.63
C VAL A 449 -44.01 -23.66 8.18
N THR A 450 -45.00 -24.47 7.77
CA THR A 450 -46.36 -24.24 8.22
C THR A 450 -46.52 -24.54 9.71
N ARG A 451 -45.65 -25.38 10.28
CA ARG A 451 -45.76 -25.73 11.69
C ARG A 451 -45.09 -24.69 12.59
N CYS A 452 -44.05 -24.02 12.10
CA CYS A 452 -43.23 -23.15 12.93
C CYS A 452 -43.29 -21.67 12.55
N LEU A 453 -44.02 -21.31 11.49
CA LEU A 453 -44.07 -19.93 11.02
C LEU A 453 -45.53 -19.50 10.82
N PRO A 454 -46.10 -18.73 11.74
CA PRO A 454 -47.47 -18.24 11.52
C PRO A 454 -47.48 -17.18 10.42
N PRO A 455 -48.62 -16.99 9.74
CA PRO A 455 -48.67 -15.98 8.68
C PRO A 455 -48.63 -14.55 9.21
N ALA B 6 61.61 -13.09 -12.39
CA ALA B 6 60.16 -12.94 -12.34
C ALA B 6 59.76 -11.47 -12.27
N ARG B 7 58.71 -11.10 -13.00
CA ARG B 7 58.22 -9.73 -12.95
C ARG B 7 57.55 -9.46 -11.60
N GLN B 8 57.81 -8.28 -11.06
CA GLN B 8 57.38 -7.92 -9.71
C GLN B 8 56.24 -6.92 -9.77
N VAL B 9 55.32 -7.03 -8.82
CA VAL B 9 54.20 -6.10 -8.73
C VAL B 9 53.83 -5.93 -7.26
N THR B 10 53.46 -4.70 -6.91
CA THR B 10 52.95 -4.36 -5.59
C THR B 10 51.49 -3.92 -5.74
N ILE B 11 50.61 -4.55 -4.98
CA ILE B 11 49.18 -4.25 -5.03
C ILE B 11 48.76 -3.65 -3.68
N ILE B 12 48.02 -2.54 -3.74
CA ILE B 12 47.48 -1.90 -2.54
C ILE B 12 46.00 -2.23 -2.47
N GLY B 13 45.60 -2.94 -1.42
CA GLY B 13 44.20 -3.26 -1.18
C GLY B 13 43.85 -4.71 -1.44
N ALA B 14 43.65 -5.47 -0.38
CA ALA B 14 43.24 -6.87 -0.49
C ALA B 14 41.72 -6.99 -0.46
N GLY B 15 41.07 -6.18 -1.29
CA GLY B 15 39.63 -6.27 -1.45
C GLY B 15 39.28 -7.31 -2.50
N LEU B 16 38.34 -6.98 -3.39
CA LEU B 16 37.88 -7.95 -4.38
C LEU B 16 38.74 -7.91 -5.64
N ALA B 17 38.95 -6.73 -6.21
CA ALA B 17 39.80 -6.64 -7.40
C ALA B 17 41.27 -6.94 -7.07
N GLY B 18 41.77 -6.37 -5.97
CA GLY B 18 43.19 -6.54 -5.67
C GLY B 18 43.57 -7.98 -5.41
N THR B 19 42.72 -8.71 -4.69
N THR B 19 42.73 -8.70 -4.66
CA THR B 19 43.05 -10.09 -4.35
CA THR B 19 43.04 -10.10 -4.35
C THR B 19 42.89 -11.02 -5.55
C THR B 19 42.95 -10.96 -5.60
N LEU B 20 41.97 -10.71 -6.46
CA LEU B 20 41.82 -11.52 -7.66
C LEU B 20 42.99 -11.31 -8.62
N VAL B 21 43.37 -10.05 -8.85
CA VAL B 21 44.49 -9.81 -9.75
C VAL B 21 45.78 -10.39 -9.16
N ALA B 22 45.91 -10.33 -7.83
CA ALA B 22 47.06 -10.95 -7.18
C ALA B 22 47.14 -12.44 -7.48
N ARG B 23 46.00 -13.14 -7.43
CA ARG B 23 45.99 -14.56 -7.76
C ARG B 23 46.35 -14.79 -9.22
N LEU B 24 45.75 -14.02 -10.12
CA LEU B 24 45.97 -14.22 -11.55
C LEU B 24 47.42 -13.98 -11.92
N LEU B 25 48.07 -12.99 -11.30
CA LEU B 25 49.45 -12.69 -11.63
C LEU B 25 50.40 -13.69 -10.98
N ALA B 26 50.21 -13.98 -9.69
CA ALA B 26 51.08 -14.94 -9.02
C ALA B 26 50.98 -16.31 -9.69
N ARG B 27 49.79 -16.67 -10.16
CA ARG B 27 49.62 -17.92 -10.88
C ARG B 27 50.39 -17.91 -12.19
N ASN B 28 50.61 -16.73 -12.78
CA ASN B 28 51.37 -16.58 -14.00
C ASN B 28 52.86 -16.39 -13.74
N GLY B 29 53.31 -16.61 -12.51
CA GLY B 29 54.72 -16.53 -12.19
C GLY B 29 55.20 -15.20 -11.64
N TRP B 30 54.32 -14.23 -11.49
CA TRP B 30 54.71 -12.93 -10.96
C TRP B 30 55.05 -13.02 -9.47
N GLN B 31 56.00 -12.19 -9.06
CA GLN B 31 56.27 -11.98 -7.64
C GLN B 31 55.31 -10.91 -7.16
N VAL B 32 54.32 -11.29 -6.35
CA VAL B 32 53.23 -10.42 -5.95
C VAL B 32 53.32 -10.16 -4.45
N ASN B 33 53.34 -8.88 -4.08
CA ASN B 33 53.22 -8.45 -2.69
C ASN B 33 51.99 -7.56 -2.58
N LEU B 34 51.09 -7.91 -1.66
CA LEU B 34 49.78 -7.28 -1.52
C LEU B 34 49.65 -6.68 -0.12
N PHE B 35 49.34 -5.39 -0.05
CA PHE B 35 49.27 -4.67 1.22
C PHE B 35 47.84 -4.25 1.51
N GLU B 36 47.41 -4.46 2.74
CA GLU B 36 46.04 -4.23 3.17
C GLU B 36 46.06 -3.53 4.53
N ARG B 37 45.29 -2.45 4.66
CA ARG B 37 45.28 -1.70 5.90
C ARG B 37 44.51 -2.40 7.01
N ARG B 38 43.52 -3.20 6.66
CA ARG B 38 42.71 -3.90 7.64
C ARG B 38 43.41 -5.16 8.14
N PRO B 39 42.97 -5.71 9.27
CA PRO B 39 43.52 -7.00 9.72
C PRO B 39 43.07 -8.13 8.81
N ASP B 40 43.75 -9.26 8.94
CA ASP B 40 43.38 -10.45 8.18
C ASP B 40 42.03 -10.97 8.67
N PRO B 41 40.99 -10.97 7.84
CA PRO B 41 39.68 -11.43 8.31
C PRO B 41 39.62 -12.93 8.57
N ARG B 42 40.61 -13.70 8.13
CA ARG B 42 40.64 -15.13 8.43
C ARG B 42 41.08 -15.43 9.85
N ILE B 43 41.63 -14.46 10.56
CA ILE B 43 42.05 -14.63 11.95
C ILE B 43 40.85 -14.35 12.85
N GLU B 44 40.35 -15.40 13.50
CA GLU B 44 39.15 -15.28 14.32
C GLU B 44 39.43 -14.46 15.56
N THR B 45 38.58 -13.47 15.82
CA THR B 45 38.64 -12.66 17.02
C THR B 45 37.30 -12.72 17.73
N GLY B 46 37.20 -12.02 18.85
CA GLY B 46 35.94 -11.89 19.55
C GLY B 46 35.00 -10.86 18.96
N ALA B 47 35.41 -10.18 17.89
CA ALA B 47 34.63 -9.13 17.29
C ALA B 47 33.46 -9.69 16.49
N ARG B 48 32.46 -8.84 16.27
CA ARG B 48 31.27 -9.20 15.53
C ARG B 48 31.58 -9.42 14.05
N GLY B 49 30.59 -9.97 13.34
CA GLY B 49 30.63 -10.19 11.91
C GLY B 49 29.82 -9.16 11.16
N ARG B 50 30.51 -8.21 10.51
CA ARG B 50 29.84 -7.18 9.72
C ARG B 50 29.55 -7.75 8.32
N SER B 51 29.79 -6.97 7.28
CA SER B 51 29.65 -7.41 5.89
C SER B 51 28.21 -7.49 5.40
N ILE B 52 28.00 -6.98 4.20
CA ILE B 52 26.74 -7.09 3.51
C ILE B 52 26.85 -8.23 2.50
N ASN B 53 25.74 -8.56 1.87
CA ASN B 53 25.73 -9.48 0.75
C ASN B 53 25.89 -8.68 -0.54
N LEU B 54 26.49 -9.31 -1.53
CA LEU B 54 26.67 -8.71 -2.84
C LEU B 54 26.00 -9.61 -3.87
N ALA B 55 25.42 -8.98 -4.89
CA ALA B 55 24.86 -9.71 -6.02
C ALA B 55 25.98 -10.01 -6.99
N LEU B 56 26.33 -11.29 -7.09
CA LEU B 56 27.34 -11.77 -8.02
C LEU B 56 26.63 -12.26 -9.27
N ALA B 57 26.95 -11.67 -10.41
CA ALA B 57 26.30 -12.03 -11.66
C ALA B 57 27.22 -12.93 -12.48
N GLU B 58 26.72 -13.35 -13.63
CA GLU B 58 27.49 -14.22 -14.52
C GLU B 58 28.80 -13.55 -14.88
N ARG B 59 28.79 -12.23 -15.03
CA ARG B 59 30.00 -11.50 -15.39
C ARG B 59 31.08 -11.66 -14.33
N GLY B 60 30.69 -11.54 -13.06
CA GLY B 60 31.64 -11.76 -11.98
C GLY B 60 32.00 -13.22 -11.82
N ALA B 61 31.00 -14.12 -11.96
CA ALA B 61 31.26 -15.54 -11.81
C ALA B 61 32.24 -16.03 -12.88
N HIS B 62 32.13 -15.50 -14.10
CA HIS B 62 33.06 -15.89 -15.15
C HIS B 62 34.49 -15.53 -14.78
N ALA B 63 34.71 -14.34 -14.21
CA ALA B 63 36.05 -13.96 -13.79
C ALA B 63 36.56 -14.90 -12.71
N LEU B 64 35.70 -15.27 -11.76
CA LEU B 64 36.10 -16.24 -10.73
C LEU B 64 36.37 -17.61 -11.35
N ARG B 65 35.60 -17.98 -12.37
CA ARG B 65 35.83 -19.22 -13.08
C ARG B 65 37.22 -19.24 -13.71
N LEU B 66 37.61 -18.14 -14.37
CA LEU B 66 38.94 -18.06 -14.95
C LEU B 66 40.02 -18.19 -13.89
N ALA B 67 39.74 -17.75 -12.67
CA ALA B 67 40.67 -17.88 -11.57
C ALA B 67 40.63 -19.24 -10.90
N GLY B 68 39.67 -20.10 -11.27
CA GLY B 68 39.53 -21.39 -10.64
C GLY B 68 38.87 -21.36 -9.27
N LEU B 69 38.12 -20.31 -8.96
CA LEU B 69 37.49 -20.16 -7.65
C LEU B 69 35.98 -20.16 -7.69
N GLU B 70 35.35 -20.39 -8.84
CA GLU B 70 33.90 -20.22 -8.93
C GLU B 70 33.18 -21.23 -8.04
N ARG B 71 33.57 -22.50 -8.15
CA ARG B 71 32.89 -23.55 -7.38
C ARG B 71 32.91 -23.25 -5.89
N GLU B 72 34.05 -22.80 -5.37
N GLU B 72 34.06 -22.83 -5.37
CA GLU B 72 34.17 -22.54 -3.94
CA GLU B 72 34.15 -22.54 -3.94
C GLU B 72 33.28 -21.36 -3.53
C GLU B 72 33.23 -21.39 -3.55
N VAL B 73 33.16 -20.35 -4.40
CA VAL B 73 32.35 -19.18 -4.06
C VAL B 73 30.87 -19.52 -4.13
N LEU B 74 30.44 -20.20 -5.20
CA LEU B 74 29.02 -20.48 -5.36
C LEU B 74 28.51 -21.46 -4.32
N ALA B 75 29.39 -22.31 -3.78
CA ALA B 75 28.98 -23.21 -2.70
C ALA B 75 28.44 -22.44 -1.50
N GLU B 76 28.83 -21.17 -1.35
CA GLU B 76 28.41 -20.34 -0.23
C GLU B 76 27.45 -19.22 -0.67
N ALA B 77 26.79 -19.37 -1.81
CA ALA B 77 25.95 -18.31 -2.37
C ALA B 77 24.51 -18.77 -2.48
N VAL B 78 23.59 -17.82 -2.26
CA VAL B 78 22.15 -18.08 -2.37
C VAL B 78 21.71 -17.75 -3.78
N MET B 79 20.98 -18.66 -4.41
CA MET B 79 20.48 -18.42 -5.76
C MET B 79 19.32 -17.44 -5.73
N MET B 80 19.40 -16.42 -6.58
CA MET B 80 18.30 -15.47 -6.75
C MET B 80 17.79 -15.63 -8.18
N ARG B 81 16.61 -16.24 -8.32
CA ARG B 81 16.05 -16.58 -9.62
C ARG B 81 15.44 -15.40 -10.34
N GLY B 82 15.20 -14.30 -9.64
CA GLY B 82 14.63 -13.12 -10.25
C GLY B 82 14.54 -12.03 -9.21
N ARG B 83 14.00 -10.90 -9.61
CA ARG B 83 13.78 -9.80 -8.69
C ARG B 83 12.31 -9.81 -8.29
N MET B 84 12.06 -9.77 -6.98
CA MET B 84 10.71 -9.79 -6.44
C MET B 84 10.33 -8.35 -6.14
N VAL B 85 9.43 -7.81 -6.96
CA VAL B 85 9.06 -6.40 -6.91
C VAL B 85 7.82 -6.27 -6.03
N HIS B 86 7.91 -5.44 -5.00
CA HIS B 86 6.81 -5.22 -4.06
C HIS B 86 6.26 -3.83 -4.38
N VAL B 87 5.15 -3.80 -5.08
CA VAL B 87 4.45 -2.56 -5.43
C VAL B 87 3.18 -2.47 -4.59
N PRO B 88 2.97 -1.40 -3.84
CA PRO B 88 1.75 -1.30 -3.03
C PRO B 88 0.51 -1.50 -3.88
N GLY B 89 -0.45 -2.24 -3.35
CA GLY B 89 -1.71 -2.48 -4.00
C GLY B 89 -1.80 -3.82 -4.73
N THR B 90 -0.66 -4.42 -5.06
CA THR B 90 -0.63 -5.69 -5.77
C THR B 90 0.33 -6.65 -5.08
N PRO B 91 0.04 -7.95 -5.11
CA PRO B 91 0.93 -8.93 -4.48
C PRO B 91 2.30 -8.90 -5.14
N PRO B 92 3.35 -9.32 -4.42
CA PRO B 92 4.71 -9.27 -4.99
C PRO B 92 4.81 -10.01 -6.33
N ASN B 93 5.60 -9.44 -7.24
CA ASN B 93 5.72 -9.92 -8.62
C ASN B 93 7.16 -10.33 -8.91
N LEU B 94 7.36 -11.61 -9.26
CA LEU B 94 8.68 -12.13 -9.57
C LEU B 94 9.00 -11.92 -11.04
N GLN B 95 10.07 -11.16 -11.32
CA GLN B 95 10.55 -10.96 -12.68
C GLN B 95 11.78 -11.82 -12.91
N PRO B 96 11.68 -12.94 -13.62
CA PRO B 96 12.85 -13.82 -13.76
C PRO B 96 14.01 -13.12 -14.45
N TYR B 97 15.22 -13.54 -14.08
CA TYR B 97 16.44 -13.01 -14.69
C TYR B 97 16.73 -13.72 -16.01
N ASP B 100 14.51 -20.00 -18.69
CA ASP B 100 15.93 -19.62 -18.57
C ASP B 100 16.42 -19.85 -17.15
N ASP B 101 16.08 -20.99 -16.56
CA ASP B 101 16.46 -21.27 -15.19
C ASP B 101 17.97 -21.42 -15.00
N SER B 102 18.74 -21.31 -16.09
CA SER B 102 20.19 -21.24 -16.02
C SER B 102 20.69 -19.81 -15.79
N GLU B 103 19.84 -18.81 -15.97
CA GLU B 103 20.22 -17.41 -15.84
C GLU B 103 19.70 -16.86 -14.50
N VAL B 104 20.56 -16.94 -13.49
CA VAL B 104 20.26 -16.45 -12.15
C VAL B 104 21.47 -15.64 -11.70
N ILE B 105 21.28 -14.89 -10.63
CA ILE B 105 22.39 -14.22 -9.97
C ILE B 105 22.48 -14.72 -8.54
N TRP B 106 23.62 -14.50 -7.92
CA TRP B 106 23.98 -15.11 -6.66
C TRP B 106 24.20 -14.05 -5.60
N SER B 107 23.66 -14.30 -4.40
CA SER B 107 23.91 -13.47 -3.23
C SER B 107 25.01 -14.13 -2.40
N ILE B 108 26.15 -13.45 -2.29
CA ILE B 108 27.31 -13.95 -1.56
C ILE B 108 27.71 -12.91 -0.52
N ASN B 109 28.01 -13.39 0.69
CA ASN B 109 28.48 -12.51 1.75
C ASN B 109 29.87 -11.97 1.40
N ARG B 110 30.04 -10.65 1.55
CA ARG B 110 31.29 -10.02 1.14
C ARG B 110 32.50 -10.65 1.83
N ASP B 111 32.41 -10.81 3.16
N ASP B 111 32.41 -10.84 3.15
CA ASP B 111 33.54 -11.34 3.92
CA ASP B 111 33.58 -11.33 3.89
C ASP B 111 33.87 -12.75 3.50
C ASP B 111 33.88 -12.79 3.57
N ARG B 112 32.86 -13.59 3.30
CA ARG B 112 33.09 -14.95 2.81
C ARG B 112 33.91 -14.92 1.52
N LEU B 113 33.49 -14.07 0.58
CA LEU B 113 34.17 -13.97 -0.71
C LEU B 113 35.61 -13.51 -0.52
N ASN B 114 35.81 -12.47 0.29
CA ASN B 114 37.15 -11.95 0.50
C ASN B 114 38.06 -13.02 1.09
N ARG B 115 37.54 -13.83 2.02
CA ARG B 115 38.34 -14.89 2.60
C ARG B 115 38.71 -15.94 1.56
N ILE B 116 37.77 -16.26 0.66
CA ILE B 116 38.06 -17.22 -0.40
C ILE B 116 39.12 -16.68 -1.35
N LEU B 117 39.02 -15.39 -1.69
CA LEU B 117 40.01 -14.79 -2.59
C LEU B 117 41.39 -14.71 -1.92
N LEU B 118 41.44 -14.36 -0.64
CA LEU B 118 42.72 -14.33 0.07
C LEU B 118 43.38 -15.69 0.03
N ASP B 119 42.63 -16.75 0.36
CA ASP B 119 43.17 -18.10 0.29
C ASP B 119 43.65 -18.41 -1.13
N GLY B 120 42.88 -17.99 -2.14
CA GLY B 120 43.27 -18.26 -3.51
C GLY B 120 44.55 -17.54 -3.91
N ALA B 121 44.71 -16.29 -3.47
CA ALA B 121 45.91 -15.54 -3.83
C ALA B 121 47.14 -16.12 -3.14
N GLU B 122 47.01 -16.55 -1.89
CA GLU B 122 48.14 -17.16 -1.19
C GLU B 122 48.48 -18.52 -1.78
N ALA B 123 47.47 -19.30 -2.15
CA ALA B 123 47.71 -20.60 -2.77
C ALA B 123 48.50 -20.46 -4.06
N ALA B 124 48.31 -19.35 -4.78
CA ALA B 124 49.03 -19.12 -6.03
C ALA B 124 50.43 -18.56 -5.81
N GLY B 125 50.80 -18.21 -4.58
CA GLY B 125 52.14 -17.75 -4.28
C GLY B 125 52.26 -16.28 -3.94
N ALA B 126 51.14 -15.55 -3.85
CA ALA B 126 51.21 -14.14 -3.47
C ALA B 126 51.47 -14.00 -1.97
N SER B 127 52.16 -12.92 -1.61
CA SER B 127 52.41 -12.58 -0.21
C SER B 127 51.50 -11.42 0.19
N ILE B 128 50.78 -11.60 1.30
CA ILE B 128 49.78 -10.63 1.74
C ILE B 128 50.21 -10.08 3.09
N HIS B 129 50.25 -8.75 3.19
CA HIS B 129 50.69 -8.06 4.39
C HIS B 129 49.53 -7.19 4.87
N PHE B 130 48.99 -7.52 6.04
CA PHE B 130 47.85 -6.83 6.61
C PHE B 130 48.31 -5.78 7.61
N ASN B 131 47.37 -4.93 8.02
CA ASN B 131 47.62 -3.89 9.01
C ASN B 131 48.65 -2.87 8.54
N LEU B 132 48.68 -2.62 7.23
CA LEU B 132 49.58 -1.65 6.62
C LEU B 132 48.79 -0.83 5.62
N GLY B 133 48.58 0.45 5.90
CA GLY B 133 47.89 1.35 4.99
C GLY B 133 48.89 2.20 4.22
N LEU B 134 48.67 2.33 2.92
CA LEU B 134 49.49 3.21 2.11
C LEU B 134 49.21 4.66 2.49
N ASP B 135 50.29 5.42 2.75
CA ASP B 135 50.21 6.83 3.10
C ASP B 135 50.60 7.75 1.95
N SER B 136 51.62 7.39 1.18
CA SER B 136 52.10 8.26 0.11
C SER B 136 52.96 7.46 -0.86
N VAL B 137 53.20 8.05 -2.03
CA VAL B 137 54.01 7.46 -3.07
C VAL B 137 54.98 8.51 -3.59
N ASP B 138 56.24 8.14 -3.71
CA ASP B 138 57.25 8.97 -4.37
C ASP B 138 57.51 8.35 -5.73
N PHE B 139 56.90 8.90 -6.77
CA PHE B 139 57.00 8.32 -8.11
C PHE B 139 58.40 8.51 -8.69
N ALA B 140 59.08 9.60 -8.35
CA ALA B 140 60.43 9.82 -8.85
C ALA B 140 61.39 8.75 -8.33
N ARG B 141 61.36 8.51 -7.02
CA ARG B 141 62.21 7.49 -6.41
C ARG B 141 61.63 6.08 -6.47
N GLN B 142 60.38 5.93 -6.92
N GLN B 142 60.39 5.92 -6.95
CA GLN B 142 59.76 4.61 -7.01
CA GLN B 142 59.76 4.59 -7.00
C GLN B 142 59.63 3.97 -5.62
C GLN B 142 59.69 3.97 -5.61
N ARG B 143 59.38 4.79 -4.61
CA ARG B 143 59.22 4.34 -3.23
C ARG B 143 57.86 4.76 -2.72
N LEU B 144 57.32 3.99 -1.79
CA LEU B 144 56.06 4.32 -1.14
C LEU B 144 56.21 4.16 0.37
N THR B 145 55.31 4.78 1.10
CA THR B 145 55.33 4.78 2.56
C THR B 145 54.05 4.15 3.09
N LEU B 146 54.21 3.18 3.98
CA LEU B 146 53.10 2.50 4.62
C LEU B 146 53.18 2.75 6.12
N SER B 147 52.06 2.55 6.81
CA SER B 147 52.05 2.72 8.26
C SER B 147 50.95 1.87 8.87
N ASN B 148 51.20 1.40 10.09
CA ASN B 148 50.19 0.72 10.88
C ASN B 148 49.35 1.75 11.62
N VAL B 149 48.29 1.25 12.29
CA VAL B 149 47.42 2.15 13.03
C VAL B 149 48.16 2.85 14.16
N SER B 150 49.20 2.20 14.71
CA SER B 150 50.03 2.84 15.72
C SER B 150 50.91 3.94 15.14
N GLY B 151 50.87 4.17 13.84
CA GLY B 151 51.62 5.24 13.22
C GLY B 151 53.04 4.89 12.82
N GLU B 152 53.50 3.68 13.12
CA GLU B 152 54.84 3.25 12.73
C GLU B 152 54.91 3.16 11.21
N ARG B 153 55.84 3.89 10.61
CA ARG B 153 55.91 4.04 9.17
C ARG B 153 57.00 3.14 8.57
N LEU B 154 56.72 2.63 7.37
CA LEU B 154 57.65 1.78 6.63
C LEU B 154 57.74 2.26 5.19
N GLU B 155 58.94 2.20 4.62
CA GLU B 155 59.18 2.50 3.21
C GLU B 155 59.52 1.22 2.45
N LYS B 156 59.02 1.12 1.23
CA LYS B 156 59.25 -0.03 0.38
C LYS B 156 59.52 0.44 -1.04
N ARG B 157 60.42 -0.26 -1.73
CA ARG B 157 60.55 -0.04 -3.16
C ARG B 157 59.44 -0.77 -3.90
N PHE B 158 59.06 -0.22 -5.06
CA PHE B 158 58.12 -0.88 -5.94
C PHE B 158 58.56 -0.68 -7.37
N HIS B 159 58.24 -1.65 -8.23
CA HIS B 159 58.47 -1.54 -9.66
C HIS B 159 57.19 -1.28 -10.43
N LEU B 160 56.09 -1.92 -10.01
CA LEU B 160 54.77 -1.69 -10.58
C LEU B 160 53.79 -1.62 -9.43
N LEU B 161 52.94 -0.60 -9.42
CA LEU B 161 52.01 -0.36 -8.33
C LEU B 161 50.59 -0.44 -8.85
N ILE B 162 49.81 -1.36 -8.32
CA ILE B 162 48.40 -1.50 -8.67
C ILE B 162 47.58 -0.96 -7.50
N GLY B 163 46.81 0.10 -7.77
CA GLY B 163 45.90 0.65 -6.79
C GLY B 163 44.55 -0.02 -6.87
N ALA B 164 44.32 -0.99 -5.98
CA ALA B 164 43.02 -1.64 -5.81
C ALA B 164 42.47 -1.32 -4.43
N ASP B 165 42.61 -0.06 -4.00
CA ASP B 165 42.35 0.34 -2.63
C ASP B 165 41.03 1.09 -2.47
N GLY B 166 40.07 0.86 -3.36
CA GLY B 166 38.70 1.25 -3.11
C GLY B 166 38.34 2.65 -3.55
N CYS B 167 37.08 2.99 -3.29
N CYS B 167 37.08 3.01 -3.29
CA CYS B 167 36.50 4.25 -3.76
CA CYS B 167 36.53 4.26 -3.81
C CYS B 167 37.33 5.45 -3.34
C CYS B 167 37.29 5.48 -3.31
N ASN B 168 37.95 5.39 -2.16
CA ASN B 168 38.76 6.49 -1.63
C ASN B 168 40.26 6.21 -1.79
N SER B 169 40.65 5.69 -2.94
CA SER B 169 42.00 5.20 -3.18
C SER B 169 43.08 6.20 -2.77
N ALA B 170 44.01 5.73 -1.93
CA ALA B 170 45.21 6.52 -1.65
C ALA B 170 46.17 6.52 -2.83
N VAL B 171 46.20 5.45 -3.63
CA VAL B 171 47.01 5.43 -4.84
C VAL B 171 46.51 6.49 -5.81
N ARG B 172 45.19 6.61 -5.97
CA ARG B 172 44.65 7.65 -6.84
C ARG B 172 45.04 9.03 -6.34
N GLN B 173 44.96 9.26 -5.02
CA GLN B 173 45.39 10.55 -4.48
C GLN B 173 46.86 10.82 -4.82
N ALA B 174 47.72 9.81 -4.68
CA ALA B 174 49.13 9.99 -4.99
C ALA B 174 49.35 10.22 -6.48
N MET B 175 48.63 9.48 -7.33
CA MET B 175 48.77 9.67 -8.77
C MET B 175 48.39 11.08 -9.16
N ALA B 176 47.32 11.63 -8.57
CA ALA B 176 46.89 12.98 -8.88
C ALA B 176 47.95 14.02 -8.59
N SER B 177 49.01 13.67 -7.86
CA SER B 177 50.07 14.62 -7.55
C SER B 177 51.09 14.74 -8.69
N VAL B 178 51.16 13.74 -9.57
CA VAL B 178 52.14 13.74 -10.64
C VAL B 178 51.51 13.81 -12.02
N VAL B 179 50.23 13.51 -12.16
CA VAL B 179 49.54 13.60 -13.45
C VAL B 179 48.14 14.16 -13.22
N ASP B 180 47.62 14.81 -14.25
CA ASP B 180 46.24 15.29 -14.24
C ASP B 180 45.31 14.12 -14.57
N LEU B 181 44.60 13.62 -13.57
CA LEU B 181 43.70 12.50 -13.80
C LEU B 181 42.38 12.92 -14.41
N GLY B 182 42.11 14.22 -14.51
CA GLY B 182 40.87 14.70 -15.07
C GLY B 182 39.67 14.19 -14.33
N GLU B 183 39.67 14.32 -13.00
CA GLU B 183 38.57 13.81 -12.20
C GLU B 183 37.35 14.70 -12.33
N HIS B 184 36.17 14.09 -12.41
CA HIS B 184 34.91 14.80 -12.30
C HIS B 184 34.03 14.00 -11.35
N LEU B 185 33.72 14.60 -10.19
CA LEU B 185 32.91 13.95 -9.17
C LEU B 185 31.46 14.38 -9.34
N GLU B 186 30.56 13.40 -9.40
CA GLU B 186 29.13 13.65 -9.54
C GLU B 186 28.42 12.99 -8.35
N THR B 187 28.11 13.79 -7.34
CA THR B 187 27.38 13.29 -6.18
C THR B 187 25.88 13.23 -6.49
N GLN B 188 25.20 12.31 -5.80
CA GLN B 188 23.77 12.13 -5.94
C GLN B 188 23.05 12.54 -4.66
N PRO B 189 21.79 12.99 -4.77
CA PRO B 189 21.07 13.49 -3.59
C PRO B 189 20.60 12.40 -2.63
N HIS B 190 20.65 11.14 -3.01
CA HIS B 190 20.23 10.05 -2.14
C HIS B 190 21.42 9.54 -1.33
N GLY B 191 21.19 9.31 -0.04
CA GLY B 191 22.06 8.48 0.76
C GLY B 191 21.46 7.09 0.92
N TYR B 192 22.13 6.26 1.72
CA TYR B 192 21.60 4.94 1.99
C TYR B 192 21.89 4.53 3.42
N LYS B 193 21.04 3.65 3.94
CA LYS B 193 21.14 3.10 5.29
C LYS B 193 20.92 1.60 5.21
N GLU B 194 21.77 0.85 5.88
CA GLU B 194 21.72 -0.61 5.84
C GLU B 194 21.03 -1.15 7.08
N LEU B 195 20.02 -1.98 6.86
CA LEU B 195 19.16 -2.54 7.90
C LEU B 195 19.18 -4.05 7.78
N GLN B 196 18.54 -4.73 8.74
CA GLN B 196 18.67 -6.17 8.86
C GLN B 196 17.31 -6.82 9.08
N ILE B 197 17.12 -7.97 8.45
CA ILE B 197 15.99 -8.86 8.73
C ILE B 197 16.55 -10.18 9.24
N THR B 198 16.08 -10.61 10.41
CA THR B 198 16.56 -11.84 11.00
C THR B 198 15.96 -13.05 10.30
N PRO B 199 16.55 -14.24 10.48
CA PRO B 199 15.95 -15.45 9.90
C PRO B 199 14.55 -15.72 10.42
N GLU B 200 14.30 -15.45 11.71
CA GLU B 200 12.97 -15.68 12.26
C GLU B 200 11.93 -14.76 11.64
N ALA B 201 12.30 -13.49 11.42
CA ALA B 201 11.35 -12.55 10.85
C ALA B 201 11.06 -12.89 9.39
N SER B 202 12.10 -13.18 8.60
CA SER B 202 11.87 -13.46 7.19
C SER B 202 11.07 -14.75 7.01
N ALA B 203 11.33 -15.75 7.86
CA ALA B 203 10.54 -16.97 7.83
C ALA B 203 9.10 -16.71 8.30
N GLN B 204 8.96 -15.97 9.39
CA GLN B 204 7.63 -15.71 9.93
C GLN B 204 6.74 -15.02 8.91
N PHE B 205 7.31 -14.12 8.10
CA PHE B 205 6.54 -13.35 7.12
C PHE B 205 6.73 -13.86 5.70
N ASN B 206 7.32 -15.04 5.52
CA ASN B 206 7.33 -15.73 4.23
C ASN B 206 8.04 -14.93 3.15
N LEU B 207 9.16 -14.29 3.50
CA LEU B 207 9.97 -13.57 2.52
C LEU B 207 10.80 -14.58 1.73
N GLU B 208 10.59 -14.62 0.42
CA GLU B 208 11.22 -15.63 -0.44
C GLU B 208 12.74 -15.53 -0.36
N PRO B 209 13.45 -16.61 0.00
CA PRO B 209 14.91 -16.52 0.07
C PRO B 209 15.60 -16.48 -1.28
N ASN B 210 15.05 -17.14 -2.29
CA ASN B 210 15.75 -17.28 -3.56
C ASN B 210 15.35 -16.20 -4.56
N ALA B 211 15.41 -14.96 -4.11
CA ALA B 211 15.04 -13.82 -4.95
C ALA B 211 15.66 -12.57 -4.37
N LEU B 212 15.89 -11.60 -5.25
CA LEU B 212 16.27 -10.24 -4.87
C LEU B 212 15.00 -9.41 -4.73
N HIS B 213 14.85 -8.73 -3.61
CA HIS B 213 13.61 -8.03 -3.30
C HIS B 213 13.78 -6.53 -3.48
N ILE B 214 12.77 -5.89 -4.08
CA ILE B 214 12.79 -4.46 -4.33
C ILE B 214 11.46 -3.88 -3.89
N TRP B 215 11.52 -2.77 -3.18
CA TRP B 215 10.33 -2.01 -2.76
C TRP B 215 10.42 -0.64 -3.41
N PRO B 216 9.95 -0.48 -4.65
CA PRO B 216 9.96 0.85 -5.27
C PRO B 216 8.93 1.75 -4.60
N HIS B 217 9.30 3.02 -4.42
CA HIS B 217 8.41 3.96 -3.76
C HIS B 217 8.73 5.39 -4.19
N GLY B 218 8.97 5.58 -5.48
CA GLY B 218 9.25 6.91 -6.00
C GLY B 218 10.63 7.40 -5.65
N ASP B 219 10.71 8.50 -4.89
CA ASP B 219 11.98 9.12 -4.56
C ASP B 219 12.76 8.36 -3.49
N TYR B 220 12.22 7.30 -2.93
CA TYR B 220 12.96 6.45 -2.01
C TYR B 220 12.51 5.01 -2.21
N MET B 221 13.31 4.08 -1.70
CA MET B 221 13.01 2.66 -1.90
C MET B 221 13.97 1.83 -1.07
N CYS B 222 13.65 0.54 -0.96
CA CYS B 222 14.50 -0.41 -0.28
C CYS B 222 14.79 -1.60 -1.18
N ILE B 223 15.93 -2.23 -0.94
CA ILE B 223 16.33 -3.45 -1.60
C ILE B 223 16.86 -4.41 -0.54
N ALA B 224 16.64 -5.71 -0.77
CA ALA B 224 17.04 -6.71 0.21
C ALA B 224 17.63 -7.91 -0.52
N LEU B 225 18.77 -8.38 -0.02
CA LEU B 225 19.43 -9.56 -0.53
C LEU B 225 19.53 -10.62 0.56
N PRO B 226 19.36 -11.90 0.21
CA PRO B 226 19.35 -12.96 1.22
C PRO B 226 20.75 -13.46 1.57
N ASN B 227 20.87 -14.02 2.77
N ASN B 227 20.83 -14.02 2.78
CA ASN B 227 22.08 -14.74 3.14
CA ASN B 227 21.98 -14.73 3.33
C ASN B 227 21.74 -16.20 3.40
C ASN B 227 21.73 -16.23 3.27
N LEU B 228 22.80 -17.00 3.52
CA LEU B 228 22.62 -18.45 3.63
C LEU B 228 21.73 -18.82 4.82
N ASP B 229 21.75 -18.04 5.89
CA ASP B 229 21.01 -18.34 7.10
C ASP B 229 19.61 -17.75 7.10
N ARG B 230 19.12 -17.29 5.95
CA ARG B 230 17.78 -16.77 5.74
C ARG B 230 17.60 -15.36 6.30
N SER B 231 18.65 -14.74 6.85
CA SER B 231 18.58 -13.32 7.13
C SER B 231 18.75 -12.55 5.83
N PHE B 232 18.30 -11.29 5.86
CA PHE B 232 18.45 -10.40 4.73
C PHE B 232 19.12 -9.11 5.17
N THR B 233 19.95 -8.55 4.29
CA THR B 233 20.45 -7.20 4.46
C THR B 233 19.58 -6.28 3.62
N VAL B 234 19.03 -5.25 4.24
CA VAL B 234 18.13 -4.30 3.59
C VAL B 234 18.87 -2.98 3.45
N THR B 235 18.73 -2.36 2.27
CA THR B 235 19.31 -1.04 2.01
C THR B 235 18.19 -0.07 1.66
N LEU B 236 18.09 1.00 2.44
CA LEU B 236 17.14 2.08 2.19
C LEU B 236 17.84 3.20 1.44
N PHE B 237 17.22 3.68 0.38
CA PHE B 237 17.70 4.83 -0.38
C PHE B 237 16.74 5.98 -0.20
N LEU B 238 17.26 7.12 0.25
CA LEU B 238 16.42 8.25 0.65
C LEU B 238 17.25 9.53 0.54
N HIS B 239 16.57 10.62 0.18
CA HIS B 239 17.23 11.91 0.07
C HIS B 239 17.92 12.29 1.38
N HIS B 240 19.15 12.79 1.27
CA HIS B 240 19.81 13.35 2.45
C HIS B 240 18.98 14.48 3.05
N GLN B 241 18.51 15.40 2.20
CA GLN B 241 17.85 16.61 2.64
C GLN B 241 16.52 16.77 1.90
N SER B 242 15.56 17.38 2.56
CA SER B 242 14.31 17.74 1.91
C SER B 242 14.47 19.06 1.15
N PRO B 243 13.78 19.22 0.01
CA PRO B 243 13.84 20.49 -0.71
C PRO B 243 13.20 21.63 0.07
N ALA B 248 9.09 20.52 2.77
CA ALA B 248 9.78 19.36 3.30
C ALA B 248 8.99 18.09 3.05
N SER B 249 9.62 16.94 3.31
CA SER B 249 9.12 15.62 2.94
C SER B 249 10.20 14.61 3.29
N PRO B 250 9.93 13.30 3.26
CA PRO B 250 10.89 12.33 3.81
C PRO B 250 12.31 12.52 3.30
N SER B 251 13.24 12.49 4.23
CA SER B 251 14.68 12.57 3.97
C SER B 251 15.38 12.13 5.26
N PHE B 252 16.68 11.84 5.15
CA PHE B 252 17.42 11.43 6.34
C PHE B 252 17.45 12.53 7.40
N ALA B 253 17.48 13.80 6.99
CA ALA B 253 17.43 14.88 7.96
C ALA B 253 16.09 14.87 8.70
N GLN B 254 15.03 14.41 8.03
CA GLN B 254 13.71 14.34 8.65
C GLN B 254 13.57 13.19 9.64
N LEU B 255 14.47 12.20 9.58
CA LEU B 255 14.41 11.05 10.49
C LEU B 255 15.49 11.22 11.54
N VAL B 256 15.19 12.05 12.54
CA VAL B 256 16.19 12.43 13.54
C VAL B 256 16.57 11.25 14.44
N ASP B 257 15.70 10.25 14.55
CA ASP B 257 15.98 9.10 15.40
C ASP B 257 15.28 7.88 14.84
N GLY B 258 15.57 6.72 15.46
CA GLY B 258 15.00 5.48 14.98
C GLY B 258 13.50 5.39 15.16
N HIS B 259 12.96 6.11 16.16
CA HIS B 259 11.52 6.09 16.37
C HIS B 259 10.78 6.80 15.25
N ALA B 260 11.35 7.91 14.74
CA ALA B 260 10.79 8.53 13.55
C ALA B 260 10.92 7.62 12.34
N ALA B 261 12.09 6.98 12.20
CA ALA B 261 12.27 6.01 11.13
C ALA B 261 11.23 4.89 11.23
N ARG B 262 10.91 4.48 12.46
CA ARG B 262 9.89 3.45 12.67
C ARG B 262 8.57 3.90 12.07
N ARG B 263 8.13 5.11 12.42
CA ARG B 263 6.88 5.65 11.90
C ARG B 263 6.94 5.80 10.38
N PHE B 264 8.09 6.23 9.85
CA PHE B 264 8.25 6.36 8.40
C PHE B 264 8.02 5.03 7.70
N PHE B 265 8.64 3.96 8.20
CA PHE B 265 8.48 2.66 7.55
C PHE B 265 7.05 2.14 7.67
N GLN B 266 6.42 2.34 8.83
CA GLN B 266 5.06 1.86 9.02
C GLN B 266 4.09 2.51 8.03
N ARG B 267 4.37 3.74 7.60
CA ARG B 267 3.50 4.42 6.65
C ARG B 267 3.85 4.08 5.20
N GLN B 268 5.14 4.15 4.84
CA GLN B 268 5.53 4.03 3.44
C GLN B 268 5.91 2.60 3.04
N PHE B 269 6.35 1.78 3.98
CA PHE B 269 6.73 0.40 3.71
C PHE B 269 6.02 -0.52 4.70
N PRO B 270 4.68 -0.47 4.74
CA PRO B 270 3.96 -1.18 5.81
C PRO B 270 4.17 -2.68 5.80
N ASP B 271 4.35 -3.29 4.63
CA ASP B 271 4.56 -4.73 4.54
C ASP B 271 5.99 -5.12 4.86
N LEU B 272 6.90 -4.15 5.00
CA LEU B 272 8.29 -4.40 5.32
C LEU B 272 8.65 -4.08 6.77
N SER B 273 8.00 -3.07 7.35
CA SER B 273 8.30 -2.68 8.73
C SER B 273 8.22 -3.84 9.73
N PRO B 274 7.23 -4.73 9.68
CA PRO B 274 7.18 -5.81 10.69
C PRO B 274 8.40 -6.70 10.68
N MET B 275 9.10 -6.81 9.54
CA MET B 275 10.27 -7.68 9.44
C MET B 275 11.55 -7.03 9.94
N LEU B 276 11.55 -5.71 10.16
CA LEU B 276 12.74 -5.00 10.62
C LEU B 276 12.65 -4.84 12.13
N ASP B 277 13.01 -5.91 12.85
CA ASP B 277 12.91 -5.90 14.30
C ASP B 277 13.88 -4.91 14.93
N SER B 278 15.09 -4.80 14.37
CA SER B 278 16.11 -3.92 14.91
C SER B 278 16.18 -2.59 14.17
N LEU B 279 15.05 -2.14 13.62
CA LEU B 279 15.06 -0.91 12.81
C LEU B 279 15.62 0.26 13.61
N GLU B 280 15.10 0.48 14.82
CA GLU B 280 15.51 1.64 15.60
C GLU B 280 17.01 1.65 15.87
N GLN B 281 17.56 0.50 16.30
CA GLN B 281 18.97 0.48 16.66
C GLN B 281 19.86 0.51 15.42
N ASP B 282 19.49 -0.25 14.39
CA ASP B 282 20.25 -0.20 13.14
C ASP B 282 20.27 1.21 12.57
N PHE B 283 19.14 1.90 12.63
CA PHE B 283 19.03 3.22 12.02
C PHE B 283 19.92 4.24 12.72
N GLU B 284 20.06 4.12 14.05
CA GLU B 284 20.85 5.07 14.81
C GLU B 284 22.34 4.73 14.86
N HIS B 285 22.68 3.45 14.83
CA HIS B 285 24.08 3.04 14.93
C HIS B 285 24.74 2.90 13.57
N HIS B 286 23.99 2.61 12.52
CA HIS B 286 24.57 2.46 11.18
C HIS B 286 24.68 3.82 10.51
N PRO B 287 25.86 4.22 10.04
CA PRO B 287 25.99 5.54 9.42
C PRO B 287 25.32 5.60 8.07
N THR B 288 24.89 6.80 7.70
CA THR B 288 24.26 7.03 6.40
C THR B 288 25.34 7.13 5.33
N GLY B 289 25.21 6.34 4.28
CA GLY B 289 26.18 6.33 3.21
C GLY B 289 25.89 7.34 2.13
N LYS B 290 26.92 7.65 1.36
CA LYS B 290 26.84 8.60 0.27
C LYS B 290 26.98 7.91 -1.07
N LEU B 291 26.33 8.47 -2.09
CA LEU B 291 26.38 7.97 -3.44
C LEU B 291 27.07 8.98 -4.35
N ALA B 292 27.93 8.47 -5.23
CA ALA B 292 28.66 9.35 -6.13
C ALA B 292 29.25 8.52 -7.26
N THR B 293 29.46 9.18 -8.39
CA THR B 293 30.11 8.61 -9.56
C THR B 293 31.35 9.44 -9.85
N LEU B 294 32.50 8.79 -9.95
CA LEU B 294 33.76 9.46 -10.23
C LEU B 294 34.33 8.91 -11.53
N ARG B 295 34.57 9.80 -12.49
CA ARG B 295 35.08 9.44 -13.80
C ARG B 295 36.47 10.04 -13.96
N LEU B 296 37.42 9.23 -14.40
CA LEU B 296 38.78 9.66 -14.62
C LEU B 296 39.12 9.58 -16.09
N THR B 297 39.85 10.58 -16.59
CA THR B 297 40.31 10.55 -17.97
C THR B 297 41.43 9.54 -18.16
N THR B 298 42.28 9.35 -17.15
CA THR B 298 43.36 8.39 -17.21
C THR B 298 43.42 7.61 -15.92
N TRP B 299 43.88 6.36 -16.04
CA TRP B 299 43.95 5.45 -14.90
C TRP B 299 45.38 5.04 -14.56
N HIS B 300 46.39 5.60 -15.21
CA HIS B 300 47.74 5.12 -15.01
C HIS B 300 48.75 6.25 -15.14
N VAL B 301 49.91 6.05 -14.50
CA VAL B 301 51.06 6.92 -14.62
C VAL B 301 52.14 6.12 -15.34
N GLY B 302 52.29 6.38 -16.64
CA GLY B 302 53.26 5.65 -17.43
C GLY B 302 53.13 4.17 -17.22
N GLY B 303 54.27 3.50 -17.03
CA GLY B 303 54.30 2.10 -16.64
C GLY B 303 54.45 1.87 -15.16
N GLN B 304 54.27 2.90 -14.33
CA GLN B 304 54.57 2.83 -12.91
C GLN B 304 53.38 2.42 -12.05
N ALA B 305 52.18 2.88 -12.37
CA ALA B 305 51.03 2.63 -11.51
C ALA B 305 49.75 2.68 -12.31
N VAL B 306 48.75 1.90 -11.85
CA VAL B 306 47.46 1.82 -12.50
C VAL B 306 46.39 1.59 -11.44
N LEU B 307 45.18 2.06 -11.73
CA LEU B 307 44.03 1.90 -10.86
C LEU B 307 43.06 0.88 -11.47
N LEU B 308 42.34 0.17 -10.60
CA LEU B 308 41.22 -0.64 -11.07
C LEU B 308 40.17 -0.75 -9.97
N GLY B 309 38.98 -1.19 -10.37
CA GLY B 309 37.90 -1.33 -9.42
C GLY B 309 37.36 0.02 -8.97
N ASP B 310 36.95 0.08 -7.70
CA ASP B 310 36.40 1.33 -7.17
C ASP B 310 37.44 2.44 -7.16
N ALA B 311 38.73 2.10 -7.11
CA ALA B 311 39.76 3.14 -7.18
C ALA B 311 39.70 3.88 -8.51
N ALA B 312 39.31 3.20 -9.58
CA ALA B 312 39.31 3.82 -10.90
C ALA B 312 37.96 4.43 -11.26
N HIS B 313 36.85 3.84 -10.83
CA HIS B 313 35.52 4.22 -11.32
C HIS B 313 34.47 3.94 -10.27
N PRO B 314 34.47 4.69 -9.17
CA PRO B 314 33.35 4.62 -8.22
C PRO B 314 32.03 4.86 -8.94
N MET B 315 31.03 4.05 -8.61
CA MET B 315 29.72 4.13 -9.24
C MET B 315 28.64 3.93 -8.19
N VAL B 316 27.40 4.27 -8.56
CA VAL B 316 26.26 4.05 -7.68
C VAL B 316 25.96 2.55 -7.65
N PRO B 317 25.43 2.02 -6.56
CA PRO B 317 25.29 0.56 -6.42
C PRO B 317 24.13 -0.04 -7.19
N PHE B 318 23.34 0.77 -7.91
CA PHE B 318 22.23 0.23 -8.66
C PHE B 318 22.73 -0.62 -9.82
N HIS B 319 22.03 -1.72 -10.09
CA HIS B 319 22.41 -2.81 -10.98
C HIS B 319 23.30 -3.82 -10.26
N GLY B 320 23.81 -3.51 -9.07
CA GLY B 320 24.70 -4.42 -8.36
C GLY B 320 25.82 -4.90 -9.24
N GLN B 321 26.61 -3.97 -9.77
CA GLN B 321 27.65 -4.32 -10.73
C GLN B 321 29.05 -3.81 -10.37
N GLY B 322 29.20 -3.09 -9.26
CA GLY B 322 30.51 -2.57 -8.91
C GLY B 322 31.54 -3.67 -8.71
N MET B 323 31.20 -4.68 -7.91
CA MET B 323 32.11 -5.80 -7.71
C MET B 323 32.30 -6.58 -9.01
N ASN B 324 31.21 -6.82 -9.74
CA ASN B 324 31.31 -7.57 -10.98
C ASN B 324 32.25 -6.87 -11.97
N CYS B 325 32.12 -5.56 -12.08
CA CYS B 325 33.03 -4.80 -12.93
C CYS B 325 34.46 -4.88 -12.40
N ALA B 326 34.63 -4.79 -11.08
CA ALA B 326 35.96 -4.84 -10.48
C ALA B 326 36.63 -6.18 -10.78
N LEU B 327 35.90 -7.27 -10.66
CA LEU B 327 36.45 -8.58 -11.01
C LEU B 327 36.76 -8.65 -12.49
N GLU B 328 35.89 -8.09 -13.32
CA GLU B 328 36.15 -8.03 -14.76
C GLU B 328 37.40 -7.20 -15.04
N ASP B 329 37.59 -6.09 -14.31
CA ASP B 329 38.81 -5.30 -14.45
C ASP B 329 40.03 -6.14 -14.15
N ALA B 330 39.98 -6.95 -13.08
CA ALA B 330 41.15 -7.71 -12.67
C ALA B 330 41.61 -8.66 -13.75
N VAL B 331 40.66 -9.36 -14.38
CA VAL B 331 41.00 -10.28 -15.46
C VAL B 331 41.67 -9.52 -16.60
N ALA B 332 41.09 -8.37 -16.97
CA ALA B 332 41.63 -7.60 -18.09
C ALA B 332 43.04 -7.09 -17.79
N LEU B 333 43.26 -6.60 -16.57
CA LEU B 333 44.57 -6.07 -16.22
C LEU B 333 45.63 -7.17 -16.20
N ALA B 334 45.31 -8.32 -15.62
CA ALA B 334 46.26 -9.43 -15.62
C ALA B 334 46.60 -9.87 -17.03
N GLU B 335 45.61 -9.88 -17.93
CA GLU B 335 45.84 -10.29 -19.31
C GLU B 335 46.77 -9.30 -20.02
N HIS B 336 46.49 -8.00 -19.89
CA HIS B 336 47.33 -7.01 -20.55
C HIS B 336 48.75 -7.05 -20.00
N LEU B 337 48.90 -7.07 -18.67
CA LEU B 337 50.23 -7.13 -18.08
C LEU B 337 50.98 -8.39 -18.50
N GLN B 338 50.26 -9.50 -18.63
CA GLN B 338 50.92 -10.77 -18.92
C GLN B 338 51.54 -10.78 -20.31
N SER B 339 50.90 -10.12 -21.29
CA SER B 339 51.24 -10.31 -22.68
C SER B 339 51.74 -9.06 -23.38
N ALA B 340 51.93 -7.96 -22.67
CA ALA B 340 52.34 -6.73 -23.33
C ALA B 340 53.85 -6.66 -23.48
N ALA B 341 54.30 -5.79 -24.39
CA ALA B 341 55.73 -5.60 -24.59
C ALA B 341 56.40 -5.06 -23.34
N ASP B 342 55.72 -4.16 -22.63
CA ASP B 342 56.24 -3.60 -21.40
C ASP B 342 55.06 -3.06 -20.60
N ASN B 343 55.32 -2.76 -19.33
CA ASN B 343 54.24 -2.34 -18.44
C ASN B 343 53.56 -1.08 -18.94
N ALA B 344 54.33 -0.10 -19.42
CA ALA B 344 53.74 1.13 -19.91
C ALA B 344 52.74 0.86 -21.03
N SER B 345 53.07 -0.06 -21.94
CA SER B 345 52.13 -0.44 -23.00
C SER B 345 50.91 -1.12 -22.42
N ALA B 346 51.11 -2.02 -21.45
CA ALA B 346 49.98 -2.73 -20.86
C ALA B 346 49.00 -1.77 -20.18
N LEU B 347 49.53 -0.82 -19.41
CA LEU B 347 48.65 0.05 -18.64
C LEU B 347 47.85 0.98 -19.57
N ALA B 348 48.47 1.43 -20.66
CA ALA B 348 47.74 2.22 -21.64
C ALA B 348 46.69 1.39 -22.36
N ALA B 349 47.02 0.15 -22.72
CA ALA B 349 46.06 -0.71 -23.40
C ALA B 349 44.94 -1.13 -22.46
N PHE B 350 45.25 -1.43 -21.20
CA PHE B 350 44.22 -1.74 -20.23
C PHE B 350 43.24 -0.58 -20.09
N THR B 351 43.78 0.63 -19.87
CA THR B 351 42.93 1.81 -19.74
C THR B 351 42.07 1.98 -20.99
N ALA B 352 42.68 1.85 -22.18
CA ALA B 352 41.94 2.05 -23.42
C ALA B 352 40.80 1.06 -23.55
N GLN B 353 40.99 -0.18 -23.10
CA GLN B 353 39.95 -1.19 -23.23
C GLN B 353 38.81 -0.94 -22.24
N ARG B 354 39.15 -0.71 -20.98
CA ARG B 354 38.15 -0.78 -19.91
C ARG B 354 37.48 0.56 -19.63
N GLN B 355 38.14 1.67 -19.93
CA GLN B 355 37.57 2.97 -19.59
C GLN B 355 36.21 3.17 -20.27
N PRO B 356 36.02 2.83 -21.56
CA PRO B 356 34.67 2.96 -22.14
C PRO B 356 33.65 2.00 -21.53
N ASP B 357 34.06 0.79 -21.14
CA ASP B 357 33.11 -0.11 -20.49
C ASP B 357 32.73 0.39 -19.10
N ALA B 358 33.70 0.90 -18.34
CA ALA B 358 33.40 1.44 -17.02
C ALA B 358 32.46 2.65 -17.13
N LEU B 359 32.71 3.52 -18.10
CA LEU B 359 31.82 4.65 -18.32
C LEU B 359 30.41 4.17 -18.60
N ALA B 360 30.27 3.08 -19.37
CA ALA B 360 28.95 2.59 -19.73
C ALA B 360 28.19 2.09 -18.51
N ILE B 361 28.84 1.30 -17.65
CA ILE B 361 28.14 0.77 -16.49
C ILE B 361 27.83 1.88 -15.49
N GLN B 362 28.74 2.84 -15.35
CA GLN B 362 28.46 4.01 -14.53
C GLN B 362 27.18 4.71 -14.99
N ALA B 363 27.00 4.84 -16.30
CA ALA B 363 25.82 5.50 -16.83
C ALA B 363 24.57 4.64 -16.67
N MET B 364 24.69 3.33 -16.90
CA MET B 364 23.53 2.45 -16.78
C MET B 364 23.08 2.30 -15.34
N ALA B 365 24.01 2.31 -14.38
CA ALA B 365 23.61 2.30 -12.97
C ALA B 365 22.86 3.56 -12.60
N LEU B 366 23.34 4.72 -13.05
CA LEU B 366 22.63 5.97 -12.80
C LEU B 366 21.26 5.98 -13.45
N GLU B 367 21.16 5.47 -14.68
CA GLU B 367 19.85 5.42 -15.33
C GLU B 367 18.89 4.50 -14.59
N ASN B 368 19.39 3.36 -14.08
CA ASN B 368 18.56 2.53 -13.22
C ASN B 368 18.18 3.27 -11.94
N TYR B 369 19.11 4.04 -11.38
CA TYR B 369 18.81 4.89 -10.24
C TYR B 369 17.68 5.85 -10.55
N VAL B 370 17.74 6.53 -11.70
CA VAL B 370 16.71 7.50 -12.05
C VAL B 370 15.38 6.82 -12.30
N GLU B 371 15.38 5.69 -13.00
CA GLU B 371 14.12 5.05 -13.38
C GLU B 371 13.35 4.55 -12.18
N MET B 372 14.04 4.12 -11.13
CA MET B 372 13.38 3.76 -9.88
C MET B 372 13.20 4.98 -8.99
N SER B 373 13.41 6.17 -9.54
CA SER B 373 13.26 7.45 -8.85
C SER B 373 13.90 7.41 -7.47
N PRO B 379 3.49 5.21 -15.95
CA PRO B 379 2.31 5.51 -16.76
C PRO B 379 2.53 5.13 -18.23
N THR B 380 3.09 6.04 -19.02
CA THR B 380 3.53 5.67 -20.36
C THR B 380 4.81 4.86 -20.29
N TYR B 381 5.71 5.20 -19.35
CA TYR B 381 6.84 4.33 -19.04
C TYR B 381 6.37 2.93 -18.72
N LEU B 382 5.32 2.80 -17.92
CA LEU B 382 4.77 1.48 -17.61
C LEU B 382 4.29 0.80 -18.89
N LEU B 383 3.75 1.56 -19.83
CA LEU B 383 3.34 0.98 -21.11
C LEU B 383 4.56 0.50 -21.89
N GLU B 384 5.66 1.26 -21.82
CA GLU B 384 6.90 0.85 -22.49
C GLU B 384 7.37 -0.49 -21.97
N ARG B 385 7.46 -0.64 -20.65
CA ARG B 385 7.93 -1.89 -20.07
C ARG B 385 7.05 -3.06 -20.52
N GLU B 386 5.75 -2.82 -20.65
CA GLU B 386 4.83 -3.88 -21.06
C GLU B 386 5.09 -4.30 -22.50
N LEU B 387 5.31 -3.34 -23.40
CA LEU B 387 5.65 -3.67 -24.78
C LEU B 387 7.01 -4.36 -24.86
N GLY B 388 7.97 -3.89 -24.04
CA GLY B 388 9.29 -4.51 -24.07
C GLY B 388 9.25 -5.97 -23.67
N GLN B 389 8.40 -6.31 -22.70
CA GLN B 389 8.26 -7.72 -22.30
C GLN B 389 7.74 -8.56 -23.46
N ILE B 390 6.88 -8.00 -24.29
CA ILE B 390 6.39 -8.73 -25.46
C ILE B 390 7.47 -8.85 -26.51
N MET B 391 8.21 -7.76 -26.75
CA MET B 391 9.25 -7.79 -27.77
C MET B 391 10.40 -8.72 -27.39
N ALA B 392 10.68 -8.86 -26.09
CA ALA B 392 11.69 -9.82 -25.67
C ALA B 392 11.26 -11.25 -25.94
N GLN B 393 9.94 -11.51 -25.97
CA GLN B 393 9.45 -12.84 -26.24
C GLN B 393 9.55 -13.19 -27.71
N ARG B 394 9.34 -12.22 -28.60
CA ARG B 394 9.41 -12.50 -30.04
C ARG B 394 10.84 -12.58 -30.52
N GLN B 395 11.73 -11.79 -29.91
CA GLN B 395 13.16 -11.77 -30.25
C GLN B 395 13.92 -11.91 -28.94
N PRO B 396 13.80 -13.06 -28.28
CA PRO B 396 14.58 -13.27 -27.04
C PRO B 396 16.08 -13.27 -27.28
N THR B 397 16.52 -13.39 -28.52
CA THR B 397 17.93 -13.44 -28.87
C THR B 397 18.46 -12.09 -29.34
N ARG B 398 17.58 -11.12 -29.55
CA ARG B 398 17.94 -9.77 -29.98
C ARG B 398 17.48 -8.69 -29.01
N PHE B 399 16.29 -8.82 -28.43
CA PHE B 399 15.73 -7.84 -27.50
C PHE B 399 15.77 -8.45 -26.10
N ILE B 400 16.72 -8.00 -25.28
CA ILE B 400 16.96 -8.54 -23.96
C ILE B 400 16.85 -7.40 -22.95
N PRO B 401 16.01 -7.52 -21.91
CA PRO B 401 15.92 -6.43 -20.93
C PRO B 401 17.29 -6.11 -20.33
N ARG B 402 17.43 -4.85 -19.92
CA ARG B 402 18.73 -4.37 -19.43
C ARG B 402 19.16 -5.09 -18.17
N TYR B 403 18.26 -5.24 -17.19
CA TYR B 403 18.66 -5.87 -15.94
C TYR B 403 19.19 -7.28 -16.17
N SER B 404 18.93 -7.86 -17.36
CA SER B 404 19.52 -9.13 -17.76
C SER B 404 20.83 -8.95 -18.51
N MET B 405 20.92 -7.96 -19.40
CA MET B 405 22.11 -7.79 -20.22
C MET B 405 23.34 -7.45 -19.40
N VAL B 406 23.19 -6.58 -18.40
CA VAL B 406 24.33 -6.24 -17.53
C VAL B 406 24.89 -7.49 -16.87
N THR B 407 24.09 -8.55 -16.76
CA THR B 407 24.45 -9.73 -16.00
C THR B 407 25.29 -10.69 -16.83
N PHE B 408 25.14 -10.68 -18.15
CA PHE B 408 25.72 -11.72 -18.99
C PHE B 408 27.23 -11.50 -19.17
N SER B 409 28.00 -12.56 -18.92
CA SER B 409 29.45 -12.49 -19.05
C SER B 409 29.89 -12.26 -20.49
N ARG B 410 29.08 -12.67 -21.46
CA ARG B 410 29.43 -12.61 -22.87
C ARG B 410 29.16 -11.26 -23.53
N LEU B 411 28.91 -10.18 -22.78
CA LEU B 411 28.77 -8.88 -23.45
C LEU B 411 29.42 -7.71 -22.72
N PRO B 412 30.25 -6.92 -23.40
CA PRO B 412 30.83 -5.72 -22.77
C PRO B 412 29.76 -4.72 -22.37
N TYR B 413 30.00 -4.05 -21.23
CA TYR B 413 29.07 -3.04 -20.75
C TYR B 413 28.71 -2.04 -21.83
N ALA B 414 29.72 -1.55 -22.57
CA ALA B 414 29.49 -0.50 -23.56
C ALA B 414 28.57 -0.98 -24.68
N GLN B 415 28.67 -2.25 -25.07
CA GLN B 415 27.75 -2.78 -26.06
C GLN B 415 26.38 -3.02 -25.46
N ALA B 416 26.33 -3.45 -24.19
CA ALA B 416 25.05 -3.55 -23.51
C ALA B 416 24.33 -2.21 -23.50
N MET B 417 25.05 -1.12 -23.23
CA MET B 417 24.43 0.20 -23.20
C MET B 417 23.93 0.60 -24.58
N ALA B 418 24.75 0.38 -25.61
CA ALA B 418 24.37 0.77 -26.96
C ALA B 418 23.07 0.08 -27.37
N ARG B 419 22.97 -1.23 -27.13
CA ARG B 419 21.74 -1.94 -27.45
C ARG B 419 20.58 -1.43 -26.61
N GLY B 420 20.85 -1.08 -25.35
CA GLY B 420 19.79 -0.57 -24.49
C GLY B 420 19.20 0.72 -25.01
N GLN B 421 20.04 1.61 -25.56
CA GLN B 421 19.54 2.87 -26.07
C GLN B 421 18.69 2.67 -27.31
N ILE B 422 19.13 1.79 -28.22
CA ILE B 422 18.33 1.48 -29.40
C ILE B 422 16.99 0.88 -28.99
N GLN B 423 17.01 -0.06 -28.05
CA GLN B 423 15.76 -0.67 -27.59
C GLN B 423 14.85 0.36 -26.94
N GLU B 424 15.43 1.25 -26.11
CA GLU B 424 14.62 2.25 -25.44
C GLU B 424 13.98 3.20 -26.43
N GLN B 425 14.75 3.65 -27.43
CA GLN B 425 14.19 4.51 -28.45
C GLN B 425 13.12 3.78 -29.25
N LEU B 426 13.39 2.53 -29.61
CA LEU B 426 12.40 1.72 -30.30
C LEU B 426 11.11 1.65 -29.48
N LEU B 427 11.24 1.40 -28.18
CA LEU B 427 10.05 1.36 -27.33
C LEU B 427 9.41 2.74 -27.18
N LYS B 428 10.24 3.79 -27.08
CA LYS B 428 9.70 5.13 -26.93
C LYS B 428 8.80 5.50 -28.10
N PHE B 429 9.28 5.26 -29.32
CA PHE B 429 8.55 5.66 -30.51
C PHE B 429 7.35 4.74 -30.78
N ALA B 430 7.46 3.45 -30.45
CA ALA B 430 6.37 2.53 -30.71
C ALA B 430 5.16 2.86 -29.84
N VAL B 431 5.40 3.23 -28.57
CA VAL B 431 4.30 3.53 -27.67
C VAL B 431 3.86 4.99 -27.73
N ALA B 432 4.73 5.89 -28.19
CA ALA B 432 4.43 7.31 -28.16
C ALA B 432 3.09 7.60 -28.81
N ASN B 433 2.27 8.41 -28.14
CA ASN B 433 1.00 8.86 -28.69
C ASN B 433 0.03 7.69 -28.90
N HIS B 434 0.15 6.66 -28.07
CA HIS B 434 -0.81 5.56 -28.07
C HIS B 434 -1.34 5.39 -26.66
N SER B 435 -2.67 5.27 -26.55
CA SER B 435 -3.32 4.98 -25.29
C SER B 435 -3.42 3.47 -25.17
N ASP B 436 -2.94 2.92 -24.06
CA ASP B 436 -2.88 1.48 -23.83
C ASP B 436 -2.22 0.78 -25.02
N LEU B 437 -2.02 -0.54 -24.90
CA LEU B 437 -1.27 -1.30 -25.89
C LEU B 437 -2.10 -1.73 -27.09
N THR B 438 -3.42 -1.67 -27.00
CA THR B 438 -4.27 -2.20 -28.06
C THR B 438 -4.09 -1.45 -29.38
N SER B 439 -3.56 -0.23 -29.36
CA SER B 439 -3.41 0.58 -30.56
C SER B 439 -2.08 0.34 -31.28
N ILE B 440 -1.24 -0.57 -30.79
CA ILE B 440 0.12 -0.75 -31.30
C ILE B 440 0.15 -1.95 -32.23
N ASN B 441 0.79 -1.78 -33.39
CA ASN B 441 0.99 -2.87 -34.35
C ASN B 441 2.23 -3.65 -33.93
N LEU B 442 2.02 -4.80 -33.29
CA LEU B 442 3.15 -5.55 -32.73
C LEU B 442 4.08 -6.07 -33.82
N ASP B 443 3.54 -6.45 -34.98
CA ASP B 443 4.39 -6.93 -36.06
C ASP B 443 5.26 -5.81 -36.62
N ALA B 444 4.76 -4.58 -36.62
CA ALA B 444 5.57 -3.45 -37.07
C ALA B 444 6.70 -3.17 -36.08
N VAL B 445 6.43 -3.29 -34.78
CA VAL B 445 7.48 -3.11 -33.79
C VAL B 445 8.57 -4.15 -33.98
N GLU B 446 8.17 -5.39 -34.27
CA GLU B 446 9.15 -6.47 -34.45
C GLU B 446 10.04 -6.21 -35.66
N HIS B 447 9.49 -5.64 -36.72
CA HIS B 447 10.29 -5.42 -37.92
C HIS B 447 11.40 -4.41 -37.66
N GLU B 448 11.13 -3.38 -36.84
CA GLU B 448 12.16 -2.41 -36.50
C GLU B 448 13.28 -3.04 -35.67
N VAL B 449 12.94 -4.02 -34.83
CA VAL B 449 13.97 -4.70 -34.04
C VAL B 449 15.02 -5.31 -34.95
N THR B 450 14.57 -6.04 -35.97
CA THR B 450 15.51 -6.69 -36.89
C THR B 450 16.26 -5.68 -37.75
N ARG B 451 15.75 -4.46 -37.92
CA ARG B 451 16.43 -3.49 -38.77
C ARG B 451 17.57 -2.79 -38.04
N CYS B 452 17.46 -2.61 -36.72
CA CYS B 452 18.42 -1.80 -35.98
C CYS B 452 19.20 -2.60 -34.95
PA FAD C . -27.08 12.26 10.85
O1A FAD C . -27.73 12.00 9.52
O2A FAD C . -25.60 11.96 10.81
O5B FAD C . -27.35 13.84 11.26
C5B FAD C . -26.72 14.34 12.39
C4B FAD C . -26.75 15.90 12.27
O4B FAD C . -26.30 16.41 13.38
C3B FAD C . -25.79 16.34 11.16
O3B FAD C . -26.42 17.25 10.36
C2B FAD C . -24.59 16.96 11.90
O2B FAD C . -23.99 18.05 11.07
C1B FAD C . -25.15 17.45 12.98
N9A FAD C . -24.29 17.55 14.15
C8A FAD C . -23.40 16.64 14.59
N7A FAD C . -22.85 17.11 15.72
C5A FAD C . -23.42 18.30 15.98
C6A FAD C . -23.22 19.21 17.01
N6A FAD C . -22.32 19.18 18.17
N1A FAD C . -23.93 20.33 17.04
C2A FAD C . -24.84 20.61 16.07
N3A FAD C . -25.02 19.72 15.06
C4A FAD C . -24.31 18.57 15.02
N1 FAD C . -28.90 4.14 6.21
C2 FAD C . -30.07 3.69 5.41
O2 FAD C . -31.15 3.68 5.89
N3 FAD C . -29.84 3.27 4.00
C4 FAD C . -28.50 3.29 3.44
O4 FAD C . -28.35 2.95 2.31
C4X FAD C . -27.33 3.75 4.28
N5 FAD C . -25.97 3.77 3.73
C5X FAD C . -24.84 4.22 4.59
C6 FAD C . -23.53 4.25 4.08
C7 FAD C . -22.47 4.69 4.88
C7M FAD C . -21.15 4.62 4.09
C8 FAD C . -22.70 5.09 6.21
C8M FAD C . -21.50 5.56 7.10
C9 FAD C . -24.01 5.06 6.72
C9A FAD C . -25.07 4.64 5.92
N10 FAD C . -26.46 4.61 6.49
C10 FAD C . -27.56 4.16 5.65
C1' FAD C . -26.74 5.04 7.87
C2' FAD C . -27.31 6.49 7.84
O2' FAD C . -26.50 7.32 7.09
C3' FAD C . -27.39 7.06 9.27
O3' FAD C . -27.86 6.09 10.13
C4' FAD C . -28.37 8.25 9.27
O4' FAD C . -27.80 9.36 8.66
C5' FAD C . -28.73 8.60 10.73
O5' FAD C . -29.48 9.79 10.74
P FAD C . -29.29 10.82 12.03
O1P FAD C . -30.22 12.00 11.87
O2P FAD C . -29.52 10.08 13.34
O3P FAD C . -27.72 11.32 12.04
H51A FAD C . -25.80 14.03 12.43
H52A FAD C . -27.20 14.06 13.19
H4B FAD C . -27.64 16.24 12.08
H3B FAD C . -25.49 15.59 10.62
HO3A FAD C . -26.73 17.88 10.84
H2B FAD C . -23.92 16.30 12.12
HO2A FAD C . -24.61 18.55 10.79
H1B FAD C . -25.44 18.34 12.72
H8A FAD C . -23.20 15.83 14.19
H61A FAD C . -21.91 18.45 18.38
H62A FAD C . -22.20 19.88 18.65
H2A FAD C . -25.32 21.39 16.09
HN3 FAD C . -30.50 3.02 3.52
H6 FAD C . -23.41 3.98 3.19
HM71 FAD C . -20.99 5.48 3.67
HM72 FAD C . -21.21 3.93 3.41
HM73 FAD C . -20.42 4.41 4.70
HM81 FAD C . -20.69 5.53 6.58
HM82 FAD C . -21.43 4.98 7.88
HM83 FAD C . -21.66 6.48 7.39
H9 FAD C . -23.90 5.37 7.60
H1'1 FAD C . -25.92 5.02 8.40
H1'2 FAD C . -27.38 4.44 8.28
H2' FAD C . -28.19 6.46 7.45
HO2' FAD C . -26.65 8.12 7.31
H3' FAD C . -26.51 7.36 9.56
HO3' FAD C . -27.34 6.03 10.80
H4' FAD C . -29.17 8.02 8.78
HO4' FAD C . -27.94 10.04 9.13
H5'1 FAD C . -27.92 8.72 11.25
H5'2 FAD C . -29.25 7.88 11.12
C10 E0H D . -25.48 0.95 1.66
C13 E0H D . -24.47 -1.03 2.50
C15 E0H D . -25.68 -1.73 2.26
C02 E0H D . -29.46 -5.09 0.90
C04 E0H D . -29.12 -3.56 1.11
C05 E0H D . -29.97 -2.51 1.09
C06 E0H D . -29.22 -1.37 1.33
C07 E0H D . -27.92 -1.80 1.49
C08 E0H D . -26.80 -1.06 1.73
C09 E0H D . -26.71 0.25 1.42
C11 E0H D . -24.39 0.29 2.21
O01 E0H D . -30.30 -5.42 0.18
O03 E0H D . -28.68 -6.07 1.62
O16 E0H D . -27.88 -3.10 1.35
CL1 E0H D . -22.90 1.15 2.51
CL2 E0H D . -23.09 -1.89 3.19
H101 E0H D . -25.43 1.87 1.47
H151 E0H D . -25.73 -2.64 2.46
H051 E0H D . -30.90 -2.54 0.95
H061 E0H D . -29.52 -0.50 1.36
H091 E0H D . -27.44 0.69 1.06
H031 E0H D . -28.12 -5.68 2.10
PA FAD E . 36.98 -2.68 -2.13
O1A FAD E . 36.10 -3.92 -2.12
O2A FAD E . 36.38 -1.56 -1.33
O5B FAD E . 38.47 -3.10 -1.55
C5B FAD E . 39.36 -2.06 -1.27
C4B FAD E . 40.45 -2.63 -0.31
O4B FAD E . 41.41 -1.75 -0.21
C3B FAD E . 39.85 -2.82 1.09
O3B FAD E . 40.21 -4.04 1.60
C2B FAD E . 40.46 -1.65 1.92
O2B FAD E . 40.55 -2.04 3.36
C1B FAD E . 41.64 -1.49 1.37
N9A FAD E . 42.23 -0.15 1.48
C8A FAD E . 41.59 1.02 1.34
N7A FAD E . 42.48 2.01 1.48
C5A FAD E . 43.68 1.45 1.68
C6A FAD E . 44.94 2.00 1.88
N6A FAD E . 45.41 3.40 1.95
N1A FAD E . 45.99 1.21 2.05
C2A FAD E . 45.84 -0.13 2.04
N3A FAD E . 44.60 -0.68 1.85
C4A FAD E . 43.53 0.11 1.67
N1 FAD E . 28.63 -4.60 -6.34
C2 FAD E . 28.10 -5.82 -6.98
O2 FAD E . 28.69 -6.33 -7.86
N3 FAD E . 26.82 -6.41 -6.48
C4 FAD E . 26.10 -5.77 -5.39
O4 FAD E . 25.09 -6.24 -5.01
C4X FAD E . 26.66 -4.51 -4.76
N5 FAD E . 25.95 -3.85 -3.66
C5X FAD E . 26.52 -2.60 -3.05
C6 FAD E . 25.84 -1.97 -2.00
C7 FAD E . 26.37 -0.79 -1.42
C7M FAD E . 25.44 -0.30 -0.31
C8 FAD E . 27.58 -0.27 -1.90
C8M FAD E . 28.17 1.03 -1.26
C9 FAD E . 28.27 -0.91 -2.96
C9A FAD E . 27.73 -2.07 -3.53
N10 FAD E . 28.47 -2.75 -4.66
C10 FAD E . 27.90 -3.95 -5.24
C1' FAD E . 29.75 -2.23 -5.18
C2' FAD E . 30.93 -3.06 -4.56
O2' FAD E . 30.83 -3.12 -3.20
C3' FAD E . 32.30 -2.41 -4.90
O3' FAD E . 32.29 -1.98 -6.21
C4' FAD E . 33.43 -3.45 -4.72
O4' FAD E . 33.75 -3.62 -3.38
C5' FAD E . 34.68 -2.93 -5.46
O5' FAD E . 35.75 -3.81 -5.20
P FAD E . 37.26 -3.15 -4.97
O1P FAD E . 38.28 -4.24 -4.72
O2P FAD E . 37.67 -2.34 -6.18
O3P FAD E . 37.18 -2.15 -3.67
H51A FAD E . 38.88 -1.33 -0.84
H52A FAD E . 39.76 -1.74 -2.09
H4B FAD E . 40.80 -3.47 -0.63
H3B FAD E . 38.88 -2.76 1.08
HO3A FAD E . 41.05 -4.11 1.60
H2B FAD E . 39.94 -0.83 1.84
HO2A FAD E . 41.29 -2.43 3.49
H1B FAD E . 42.22 -2.13 1.83
H8A FAD E . 40.67 1.14 1.18
H61A FAD E . 46.14 3.58 2.34
H62A FAD E . 44.94 4.02 1.58
H2A FAD E . 46.57 -0.69 2.17
HN3 FAD E . 26.50 -7.12 -6.85
H6 FAD E . 25.04 -2.35 -1.72
HM71 FAD E . 25.75 -0.65 0.55
HM72 FAD E . 24.54 -0.61 -0.48
HM73 FAD E . 25.46 0.67 -0.28
HM81 FAD E . 27.57 1.36 -0.58
HM82 FAD E . 28.28 1.71 -1.94
HM83 FAD E . 29.03 0.83 -0.86
H9 FAD E . 29.01 -0.38 -3.08
H1'1 FAD E . 29.85 -1.30 -4.94
H1'2 FAD E . 29.77 -2.32 -6.14
H2' FAD E . 30.88 -3.95 -4.95
HO2' FAD E . 31.19 -3.83 -2.91
H3' FAD E . 32.45 -1.67 -4.31
HO3' FAD E . 32.58 -1.19 -6.26
H4' FAD E . 33.13 -4.29 -5.08
HO4' FAD E . 34.60 -3.75 -3.31
H5'1 FAD E . 34.91 -2.05 -5.14
H5'2 FAD E . 34.51 -2.90 -6.41
C10 E0H F . 22.53 -4.14 -4.43
C13 E0H F . 21.26 -2.35 -5.37
C15 E0H F . 20.91 -3.18 -6.46
C02 E0H F . 18.56 -6.00 -10.24
C04 E0H F . 19.76 -5.99 -9.21
C05 E0H F . 20.78 -6.88 -9.11
C06 E0H F . 21.58 -6.44 -8.06
C07 E0H F . 21.00 -5.29 -7.57
C08 E0H F . 21.40 -4.50 -6.52
C09 E0H F . 22.16 -4.99 -5.53
C11 E0H F . 22.06 -2.83 -4.38
O01 E0H F . 18.24 -6.98 -10.77
O03 E0H F . 17.84 -4.78 -10.49
O16 E0H F . 19.92 -5.05 -8.26
CL1 E0H F . 22.48 -1.80 -3.03
CL2 E0H F . 20.67 -0.69 -5.31
H101 E0H F . 23.07 -4.47 -3.74
H151 E0H F . 20.35 -2.86 -7.13
H051 E0H F . 20.92 -7.62 -9.64
H061 E0H F . 22.35 -6.85 -7.74
H091 E0H F . 22.47 -5.87 -5.56
H031 E0H F . 18.17 -4.17 -10.04
#